data_6B3E
#
_entry.id   6B3E
#
_cell.length_a   50.140
_cell.length_b   77.260
_cell.length_c   90.640
_cell.angle_alpha   76.530
_cell.angle_beta   85.280
_cell.angle_gamma   78.220
#
_symmetry.space_group_name_H-M   'P 1'
#
loop_
_entity.id
_entity.type
_entity.pdbx_description
1 polymer 'Cyclin-dependent kinase 12'
2 polymer Cyclin-K
3 non-polymer 'MAGNESIUM ION'
4 non-polymer 2-[(2S)-1-(6-{[(4,5-difluoro-1H-benzimidazol-2-yl)methyl]amino}-9-ethyl-9H-purin-2-yl)piperidin-2-yl]ethan-1-ol
5 non-polymer 1,2-ETHANEDIOL
6 water water
#
loop_
_entity_poly.entity_id
_entity_poly.type
_entity_poly.pdbx_seq_one_letter_code
_entity_poly.pdbx_strand_id
1 'polypeptide(L)'
;SDWGKRCVDKFDIIGIIGEGTYGQVYKAKDKDTGELVALKKVRLDNEKEGFPITAIREIKILRQLIHRSVVNMKEIVTDK
QDALDFKKDKGAFYLVFEYMDHDLMGLLESGLVHFSEDHIKSFMKQLMEGLEYCHKKNFLHRDIKCSNILLNNSGQIKLA
DFGLARLYNSEESRPY(TPO)NKVITLWYRPPELLLGEERYTPAIDVWSCGCILGELFTKKPIFQANLELAQLELISRLC
GSPCPAVWPDVIKLPYFNTMKPKKQYRRRLREEFSFIPSAALDLLDHMLTLDPSKRCTAEQTLQSDFLKDVELSKMAPPD
LPHW
;
A,C
2 'polypeptide(L)'
;MKENKENSSPSVTSANLDHTKPCWYWDKKDLAHTPSQLEGLDPATEARYRREGARFIFDVGTRLGLHYDTLATGIIYFHR
FYMFHSFKQFPRYVTGACCLFLAGKVEETPKKCKDIIKTARSLLNDVQFGQFGDDPKEEVMVLERILLQTIKFDLQVEHP
YQFLLKYAKQLKGDKNKIQKLVQMAWTFVNDSLCTTLSLQWEPEIIAVAVMYLAGRLCKFEIQEWTSKPMYRRWWEQFVQ
DVPVDVLEDICHQILDLYSQGKQQMPH
;
B,D
#
# COMPACT_ATOMS: atom_id res chain seq x y z
N SER A 1 -38.94 -0.67 -10.94
CA SER A 1 -37.70 0.01 -10.62
C SER A 1 -37.97 1.33 -9.88
N ASP A 2 -39.23 1.76 -9.82
CA ASP A 2 -39.63 3.04 -9.24
C ASP A 2 -39.72 3.05 -7.69
N TRP A 3 -38.55 3.04 -7.02
CA TRP A 3 -38.44 3.00 -5.57
C TRP A 3 -38.66 4.29 -4.83
N GLY A 4 -39.03 4.15 -3.57
CA GLY A 4 -39.18 5.24 -2.61
C GLY A 4 -40.53 5.91 -2.56
N LYS A 5 -41.44 5.57 -3.47
CA LYS A 5 -42.72 6.27 -3.54
C LYS A 5 -43.87 5.56 -2.87
N ARG A 6 -43.86 4.21 -2.89
CA ARG A 6 -44.88 3.40 -2.25
C ARG A 6 -44.87 3.74 -0.75
N CYS A 7 -46.04 3.74 -0.14
CA CYS A 7 -46.17 4.12 1.27
C CYS A 7 -46.05 2.93 2.23
N VAL A 8 -45.57 3.20 3.45
CA VAL A 8 -45.42 2.18 4.48
C VAL A 8 -46.78 1.69 4.95
N ASP A 9 -47.81 2.51 4.81
CA ASP A 9 -49.15 2.09 5.22
C ASP A 9 -49.70 0.96 4.35
N LYS A 10 -48.96 0.57 3.27
CA LYS A 10 -49.32 -0.58 2.44
C LYS A 10 -48.90 -1.87 3.14
N PHE A 11 -48.28 -1.74 4.33
CA PHE A 11 -47.81 -2.86 5.17
C PHE A 11 -48.46 -2.80 6.52
N ASP A 12 -48.86 -3.96 7.04
CA ASP A 12 -49.39 -4.02 8.39
C ASP A 12 -48.23 -4.40 9.27
N ILE A 13 -47.91 -3.54 10.23
CA ILE A 13 -46.81 -3.78 11.13
C ILE A 13 -47.26 -4.71 12.25
N ILE A 14 -46.68 -5.90 12.26
CA ILE A 14 -46.92 -6.93 13.23
C ILE A 14 -46.14 -6.68 14.53
N GLY A 15 -44.82 -6.55 14.45
CA GLY A 15 -44.01 -6.30 15.63
C GLY A 15 -42.52 -6.11 15.40
N ILE A 16 -41.82 -5.57 16.41
CA ILE A 16 -40.38 -5.34 16.36
C ILE A 16 -39.60 -6.65 16.47
N ILE A 17 -38.71 -6.92 15.51
CA ILE A 17 -37.86 -8.11 15.50
C ILE A 17 -36.42 -7.80 15.78
N GLY A 18 -36.03 -6.57 15.62
CA GLY A 18 -34.65 -6.23 15.84
C GLY A 18 -34.37 -4.78 16.07
N GLU A 19 -33.18 -4.56 16.51
CA GLU A 19 -32.66 -3.24 16.69
C GLU A 19 -31.67 -3.14 15.58
N GLY A 20 -31.77 -2.07 14.83
CA GLY A 20 -30.90 -1.81 13.72
C GLY A 20 -30.04 -0.62 14.06
N THR A 21 -29.04 -0.39 13.26
CA THR A 21 -28.12 0.73 13.47
C THR A 21 -28.79 2.11 13.39
N TYR A 22 -29.65 2.34 12.41
CA TYR A 22 -30.28 3.65 12.16
C TYR A 22 -31.82 3.60 12.27
N GLY A 23 -32.30 2.49 12.83
CA GLY A 23 -33.71 2.32 13.07
C GLY A 23 -34.06 0.89 13.38
N GLN A 24 -35.27 0.70 13.91
CA GLN A 24 -35.77 -0.62 14.24
C GLN A 24 -36.04 -1.50 13.03
N VAL A 25 -36.07 -2.81 13.27
CA VAL A 25 -36.41 -3.77 12.23
C VAL A 25 -37.77 -4.35 12.62
N TYR A 26 -38.74 -4.33 11.68
CA TYR A 26 -40.08 -4.83 11.94
C TYR A 26 -40.47 -5.97 11.06
N LYS A 27 -41.31 -6.84 11.62
CA LYS A 27 -41.99 -7.92 10.88
C LYS A 27 -43.28 -7.25 10.45
N ALA A 28 -43.72 -7.50 9.24
CA ALA A 28 -44.92 -6.83 8.77
C ALA A 28 -45.53 -7.68 7.70
N LYS A 29 -46.74 -7.29 7.24
CA LYS A 29 -47.42 -8.02 6.19
C LYS A 29 -47.85 -7.12 5.05
N ASP A 30 -47.63 -7.58 3.82
CA ASP A 30 -48.03 -6.82 2.64
C ASP A 30 -49.56 -6.91 2.46
N LYS A 31 -50.26 -5.77 2.59
CA LYS A 31 -51.72 -5.72 2.46
C LYS A 31 -52.23 -6.16 1.10
N ASP A 32 -51.45 -5.96 0.04
CA ASP A 32 -51.85 -6.36 -1.30
C ASP A 32 -51.52 -7.82 -1.60
N THR A 33 -50.32 -8.30 -1.23
CA THR A 33 -49.91 -9.68 -1.56
C THR A 33 -50.06 -10.70 -0.43
N GLY A 34 -50.25 -10.24 0.78
CA GLY A 34 -50.31 -11.10 1.95
C GLY A 34 -48.97 -11.66 2.40
N GLU A 35 -47.90 -11.28 1.68
CA GLU A 35 -46.57 -11.76 1.98
C GLU A 35 -45.99 -11.13 3.25
N LEU A 36 -45.25 -11.95 4.01
CA LEU A 36 -44.55 -11.50 5.21
C LEU A 36 -43.21 -10.85 4.77
N VAL A 37 -42.87 -9.73 5.42
CA VAL A 37 -41.65 -9.01 5.07
C VAL A 37 -40.98 -8.54 6.32
N ALA A 38 -39.72 -8.15 6.18
CA ALA A 38 -39.03 -7.43 7.22
C ALA A 38 -38.83 -5.99 6.71
N LEU A 39 -39.07 -5.00 7.60
CA LEU A 39 -38.89 -3.58 7.32
C LEU A 39 -37.78 -3.00 8.17
N LYS A 40 -36.71 -2.54 7.54
CA LYS A 40 -35.62 -1.87 8.26
C LYS A 40 -35.82 -0.38 8.16
N LYS A 41 -36.12 0.25 9.29
CA LYS A 41 -36.37 1.69 9.34
C LYS A 41 -35.12 2.52 9.22
N VAL A 42 -35.20 3.61 8.47
CA VAL A 42 -34.11 4.57 8.40
C VAL A 42 -34.70 5.90 8.81
N ARG A 43 -34.35 6.35 10.00
CA ARG A 43 -34.87 7.62 10.52
C ARG A 43 -34.06 8.80 9.95
N LEU A 44 -34.76 9.85 9.50
CA LEU A 44 -34.09 11.02 8.92
C LEU A 44 -34.15 12.20 9.87
N ASP A 45 -35.31 12.39 10.51
CA ASP A 45 -35.60 13.54 11.36
C ASP A 45 -34.69 13.63 12.58
N ASN A 46 -34.22 14.87 12.84
CA ASN A 46 -33.32 15.21 13.93
C ASN A 46 -31.93 14.59 13.72
N GLU A 47 -31.60 14.28 12.45
CA GLU A 47 -30.26 13.87 12.10
C GLU A 47 -29.55 15.12 11.65
N LYS A 48 -28.38 15.39 12.22
CA LYS A 48 -27.61 16.59 11.88
C LYS A 48 -27.27 16.60 10.41
N GLU A 49 -26.92 15.42 9.91
CA GLU A 49 -26.46 15.32 8.55
C GLU A 49 -27.45 14.70 7.59
N GLY A 50 -28.72 14.69 7.99
CA GLY A 50 -29.82 14.16 7.20
C GLY A 50 -29.82 12.68 7.01
N PHE A 51 -30.11 12.21 5.78
CA PHE A 51 -30.13 10.79 5.48
C PHE A 51 -28.76 10.25 5.78
N PRO A 52 -28.71 9.29 6.70
CA PRO A 52 -27.42 8.79 7.22
C PRO A 52 -26.49 8.17 6.19
N ILE A 53 -25.24 8.67 6.18
CA ILE A 53 -24.21 8.16 5.29
C ILE A 53 -24.06 6.65 5.44
N THR A 54 -24.31 6.15 6.64
CA THR A 54 -24.28 4.72 6.95
C THR A 54 -25.29 3.93 6.10
N ALA A 55 -26.56 4.41 6.05
CA ALA A 55 -27.61 3.78 5.26
C ALA A 55 -27.34 3.91 3.79
N ILE A 56 -26.75 5.06 3.39
CA ILE A 56 -26.36 5.27 2.00
C ILE A 56 -25.40 4.18 1.54
N ARG A 57 -24.37 3.90 2.36
CA ARG A 57 -23.42 2.83 2.06
C ARG A 57 -24.16 1.52 1.95
N GLU A 58 -25.03 1.18 2.90
CA GLU A 58 -25.74 -0.09 2.86
C GLU A 58 -26.59 -0.22 1.60
N ILE A 59 -27.31 0.86 1.26
CA ILE A 59 -28.18 0.85 0.11
C ILE A 59 -27.41 0.63 -1.17
N LYS A 60 -26.27 1.33 -1.32
CA LYS A 60 -25.39 1.20 -2.50
C LYS A 60 -24.95 -0.24 -2.65
N ILE A 61 -24.56 -0.90 -1.54
CA ILE A 61 -24.11 -2.28 -1.58
C ILE A 61 -25.27 -3.24 -1.90
N LEU A 62 -26.37 -3.17 -1.13
CA LEU A 62 -27.50 -4.07 -1.34
C LEU A 62 -27.97 -4.13 -2.78
N ARG A 63 -28.08 -2.97 -3.43
CA ARG A 63 -28.50 -2.84 -4.82
C ARG A 63 -27.56 -3.52 -5.82
N GLN A 64 -26.34 -3.84 -5.42
CA GLN A 64 -25.39 -4.50 -6.29
C GLN A 64 -25.37 -6.00 -6.04
N LEU A 65 -26.07 -6.47 -5.04
CA LEU A 65 -26.04 -7.89 -4.76
C LEU A 65 -27.32 -8.61 -5.04
N ILE A 66 -27.22 -9.59 -5.96
CA ILE A 66 -28.26 -10.52 -6.33
C ILE A 66 -27.65 -11.89 -6.23
N HIS A 67 -28.00 -12.63 -5.18
CA HIS A 67 -27.52 -13.99 -4.97
C HIS A 67 -28.46 -14.65 -4.06
N ARG A 68 -28.67 -15.94 -4.25
CA ARG A 68 -29.69 -16.62 -3.47
C ARG A 68 -29.39 -16.73 -2.00
N SER A 69 -28.11 -16.71 -1.63
CA SER A 69 -27.67 -16.82 -0.24
C SER A 69 -27.38 -15.49 0.43
N VAL A 70 -27.80 -14.40 -0.19
CA VAL A 70 -27.58 -13.04 0.28
C VAL A 70 -28.91 -12.33 0.30
N VAL A 71 -29.11 -11.51 1.32
CA VAL A 71 -30.33 -10.76 1.50
C VAL A 71 -30.62 -9.87 0.29
N ASN A 72 -31.85 -9.87 -0.17
CA ASN A 72 -32.24 -9.13 -1.36
C ASN A 72 -33.36 -8.13 -1.05
N MET A 73 -33.00 -6.85 -1.12
CA MET A 73 -33.90 -5.76 -0.81
C MET A 73 -34.89 -5.57 -1.96
N LYS A 74 -36.19 -5.78 -1.69
CA LYS A 74 -37.29 -5.68 -2.64
C LYS A 74 -37.62 -4.28 -3.10
N GLU A 75 -37.67 -3.31 -2.19
CA GLU A 75 -38.01 -1.91 -2.48
C GLU A 75 -37.73 -1.05 -1.27
N ILE A 76 -37.88 0.26 -1.41
CA ILE A 76 -37.74 1.22 -0.34
C ILE A 76 -39.05 1.95 -0.27
N VAL A 77 -39.65 2.04 0.92
CA VAL A 77 -40.94 2.67 1.10
C VAL A 77 -40.86 3.86 2.05
N THR A 78 -41.86 4.72 2.01
CA THR A 78 -41.84 5.92 2.81
C THR A 78 -43.02 6.06 3.75
N ASP A 79 -42.79 6.83 4.82
CA ASP A 79 -43.83 7.21 5.75
C ASP A 79 -44.81 8.08 5.00
N LYS A 80 -46.01 8.23 5.52
CA LYS A 80 -47.09 9.03 4.92
C LYS A 80 -46.70 10.50 4.84
N GLY A 91 -40.22 12.38 8.39
CA GLY A 91 -40.51 11.12 7.70
C GLY A 91 -39.33 10.18 7.56
N ALA A 92 -39.56 8.88 7.79
CA ALA A 92 -38.55 7.82 7.70
C ALA A 92 -38.70 7.06 6.39
N PHE A 93 -37.66 6.30 6.03
CA PHE A 93 -37.75 5.36 4.92
C PHE A 93 -37.65 3.96 5.50
N TYR A 94 -38.06 2.95 4.72
CA TYR A 94 -38.03 1.57 5.15
C TYR A 94 -37.50 0.70 4.04
N LEU A 95 -36.44 -0.04 4.31
CA LEU A 95 -35.87 -1.01 3.37
C LEU A 95 -36.73 -2.27 3.54
N VAL A 96 -37.14 -2.89 2.42
CA VAL A 96 -38.03 -4.04 2.45
C VAL A 96 -37.35 -5.29 1.99
N PHE A 97 -37.44 -6.34 2.83
CA PHE A 97 -36.86 -7.65 2.54
C PHE A 97 -37.88 -8.77 2.77
N GLU A 98 -37.70 -9.90 2.11
CA GLU A 98 -38.55 -11.07 2.32
C GLU A 98 -38.36 -11.48 3.81
N TYR A 99 -39.43 -11.83 4.47
CA TYR A 99 -39.27 -12.19 5.86
C TYR A 99 -38.73 -13.64 5.95
N MET A 100 -37.71 -13.84 6.81
CA MET A 100 -37.04 -15.14 7.02
C MET A 100 -37.49 -15.69 8.35
N ASP A 101 -37.89 -16.95 8.40
CA ASP A 101 -38.46 -17.54 9.62
C ASP A 101 -37.57 -17.42 10.87
N HIS A 102 -36.28 -17.61 10.72
CA HIS A 102 -35.36 -17.61 11.86
C HIS A 102 -34.06 -16.94 11.57
N ASP A 103 -33.25 -16.79 12.62
CA ASP A 103 -31.87 -16.44 12.53
C ASP A 103 -31.10 -17.47 13.38
N LEU A 104 -29.83 -17.69 13.02
CA LEU A 104 -28.99 -18.70 13.64
C LEU A 104 -28.87 -18.55 15.12
N MET A 105 -28.73 -17.31 15.59
CA MET A 105 -28.64 -17.11 17.02
C MET A 105 -29.88 -17.58 17.78
N GLY A 106 -31.06 -17.19 17.33
CA GLY A 106 -32.30 -17.55 18.01
C GLY A 106 -32.50 -19.04 18.14
N LEU A 107 -32.23 -19.75 17.07
CA LEU A 107 -32.33 -21.19 17.01
C LEU A 107 -31.38 -21.87 17.99
N LEU A 108 -30.11 -21.53 17.87
CA LEU A 108 -29.07 -22.07 18.73
C LEU A 108 -29.38 -21.79 20.19
N GLU A 109 -29.98 -20.63 20.48
CA GLU A 109 -30.36 -20.29 21.83
C GLU A 109 -31.66 -20.91 22.28
N SER A 110 -32.53 -21.30 21.37
CA SER A 110 -33.81 -21.91 21.74
C SER A 110 -33.57 -23.23 22.46
N GLY A 111 -32.49 -23.92 22.11
CA GLY A 111 -32.18 -25.22 22.67
C GLY A 111 -33.21 -26.24 22.22
N LEU A 112 -33.92 -25.92 21.14
CA LEU A 112 -34.98 -26.73 20.56
C LEU A 112 -34.47 -27.45 19.33
N VAL A 113 -33.26 -27.09 18.88
CA VAL A 113 -32.73 -27.57 17.63
C VAL A 113 -31.41 -28.18 17.83
N HIS A 114 -31.17 -29.24 17.09
CA HIS A 114 -29.86 -29.82 17.01
C HIS A 114 -29.53 -30.00 15.54
N PHE A 115 -28.33 -29.56 15.17
CA PHE A 115 -27.91 -29.63 13.80
C PHE A 115 -27.07 -30.84 13.53
N SER A 116 -27.53 -31.67 12.60
CA SER A 116 -26.81 -32.85 12.18
C SER A 116 -25.67 -32.41 11.29
N GLU A 117 -24.74 -33.32 11.01
CA GLU A 117 -23.62 -33.02 10.12
C GLU A 117 -24.17 -32.60 8.77
N ASP A 118 -25.26 -33.24 8.35
CA ASP A 118 -25.88 -32.92 7.09
C ASP A 118 -26.48 -31.50 7.08
N HIS A 119 -27.05 -31.06 8.21
CA HIS A 119 -27.61 -29.72 8.32
C HIS A 119 -26.47 -28.70 8.20
N ILE A 120 -25.39 -28.92 8.95
CA ILE A 120 -24.21 -28.06 8.98
C ILE A 120 -23.62 -27.89 7.59
N LYS A 121 -23.42 -29.00 6.87
CA LYS A 121 -22.87 -28.97 5.52
C LYS A 121 -23.70 -28.07 4.64
N SER A 122 -25.02 -28.22 4.73
CA SER A 122 -25.98 -27.45 3.94
C SER A 122 -25.92 -25.99 4.28
N PHE A 123 -25.90 -25.65 5.58
CA PHE A 123 -25.80 -24.26 6.02
C PHE A 123 -24.48 -23.66 5.59
N MET A 124 -23.38 -24.37 5.79
CA MET A 124 -22.09 -23.86 5.42
C MET A 124 -21.96 -23.69 3.94
N LYS A 125 -22.41 -24.66 3.17
CA LYS A 125 -22.32 -24.55 1.72
C LYS A 125 -22.97 -23.24 1.26
N GLN A 126 -24.14 -22.94 1.82
CA GLN A 126 -24.91 -21.76 1.45
C GLN A 126 -24.27 -20.46 1.93
N LEU A 127 -23.76 -20.44 3.18
CA LEU A 127 -23.09 -19.28 3.75
C LEU A 127 -21.84 -18.92 2.92
N MET A 128 -20.98 -19.90 2.67
CA MET A 128 -19.77 -19.68 1.90
C MET A 128 -20.01 -19.26 0.47
N GLU A 129 -21.08 -19.77 -0.17
CA GLU A 129 -21.42 -19.40 -1.54
C GLU A 129 -21.88 -17.95 -1.58
N GLY A 130 -22.66 -17.55 -0.59
CA GLY A 130 -23.04 -16.15 -0.41
C GLY A 130 -21.81 -15.27 -0.12
N LEU A 131 -20.92 -15.71 0.81
CA LEU A 131 -19.73 -14.96 1.14
C LEU A 131 -18.81 -14.79 -0.07
N GLU A 132 -18.53 -15.89 -0.77
CA GLU A 132 -17.72 -15.90 -1.98
C GLU A 132 -18.26 -14.91 -2.99
N TYR A 133 -19.57 -14.88 -3.16
CA TYR A 133 -20.18 -13.97 -4.11
C TYR A 133 -19.84 -12.52 -3.77
N CYS A 134 -19.95 -12.13 -2.50
CA CYS A 134 -19.66 -10.79 -2.00
C CYS A 134 -18.21 -10.46 -2.22
N HIS A 135 -17.33 -11.36 -1.80
CA HIS A 135 -15.91 -11.17 -1.93
C HIS A 135 -15.51 -11.00 -3.37
N LYS A 136 -16.10 -11.75 -4.29
CA LYS A 136 -15.81 -11.63 -5.72
C LYS A 136 -16.30 -10.28 -6.28
N LYS A 137 -17.27 -9.68 -5.59
CA LYS A 137 -17.81 -8.38 -5.96
C LYS A 137 -17.03 -7.26 -5.29
N ASN A 138 -16.00 -7.64 -4.51
CA ASN A 138 -15.11 -6.74 -3.79
C ASN A 138 -15.74 -6.12 -2.59
N PHE A 139 -16.62 -6.86 -1.92
CA PHE A 139 -17.21 -6.39 -0.70
C PHE A 139 -16.76 -7.20 0.47
N LEU A 140 -16.41 -6.49 1.55
CA LEU A 140 -16.08 -7.05 2.86
C LEU A 140 -17.37 -6.90 3.65
N HIS A 141 -17.82 -7.94 4.32
CA HIS A 141 -19.07 -7.89 5.11
C HIS A 141 -18.83 -7.14 6.42
N ARG A 142 -17.84 -7.57 7.21
CA ARG A 142 -17.37 -6.94 8.43
C ARG A 142 -18.33 -7.02 9.61
N ASP A 143 -19.37 -7.87 9.51
CA ASP A 143 -20.24 -8.05 10.65
C ASP A 143 -20.87 -9.42 10.67
N ILE A 144 -20.11 -10.44 10.29
CA ILE A 144 -20.64 -11.79 10.31
C ILE A 144 -20.78 -12.27 11.75
N LYS A 145 -21.97 -12.77 12.11
CA LYS A 145 -22.31 -13.35 13.42
C LYS A 145 -23.62 -14.12 13.28
N CYS A 146 -23.98 -14.92 14.27
CA CYS A 146 -25.16 -15.77 14.20
C CYS A 146 -26.45 -15.03 13.92
N SER A 147 -26.68 -13.91 14.65
CA SER A 147 -27.88 -13.08 14.49
C SER A 147 -28.03 -12.48 13.05
N ASN A 148 -26.93 -12.49 12.26
CA ASN A 148 -26.91 -11.95 10.90
C ASN A 148 -27.01 -13.04 9.85
N ILE A 149 -27.20 -14.28 10.26
CA ILE A 149 -27.44 -15.37 9.33
C ILE A 149 -28.88 -15.85 9.48
N LEU A 150 -29.65 -15.68 8.44
CA LEU A 150 -31.06 -15.99 8.45
C LEU A 150 -31.30 -17.34 7.82
N LEU A 151 -32.30 -18.02 8.31
CA LEU A 151 -32.64 -19.34 7.83
C LEU A 151 -34.15 -19.43 7.80
N ASN A 152 -34.69 -19.98 6.73
CA ASN A 152 -36.10 -20.25 6.55
C ASN A 152 -36.47 -21.70 6.91
N ASN A 153 -37.78 -21.99 7.05
CA ASN A 153 -38.22 -23.37 7.33
C ASN A 153 -37.91 -24.31 6.14
N SER A 154 -37.72 -23.77 4.92
CA SER A 154 -37.32 -24.57 3.74
C SER A 154 -35.83 -24.95 3.84
N GLY A 155 -35.16 -24.46 4.88
CA GLY A 155 -33.75 -24.76 5.10
C GLY A 155 -32.83 -23.90 4.25
N GLN A 156 -33.34 -22.79 3.72
CA GLN A 156 -32.61 -21.84 2.91
C GLN A 156 -31.93 -20.79 3.80
N ILE A 157 -30.63 -20.55 3.56
CA ILE A 157 -29.79 -19.59 4.32
C ILE A 157 -29.64 -18.26 3.58
N LYS A 158 -29.61 -17.16 4.33
CA LYS A 158 -29.29 -15.86 3.76
C LYS A 158 -28.36 -15.07 4.64
N LEU A 159 -27.25 -14.61 4.06
CA LEU A 159 -26.31 -13.73 4.75
C LEU A 159 -26.99 -12.33 4.78
N ALA A 160 -27.09 -11.75 5.99
CA ALA A 160 -27.79 -10.49 6.18
C ALA A 160 -26.95 -9.39 6.78
N ASP A 161 -27.53 -8.19 6.96
CA ASP A 161 -26.93 -7.03 7.63
C ASP A 161 -25.64 -6.53 6.97
N PHE A 162 -25.80 -5.77 5.88
CA PHE A 162 -24.69 -5.19 5.17
C PHE A 162 -24.43 -3.77 5.64
N GLY A 163 -24.82 -3.48 6.87
CA GLY A 163 -24.66 -2.17 7.50
C GLY A 163 -23.23 -1.71 7.67
N LEU A 164 -22.30 -2.66 7.81
CA LEU A 164 -20.89 -2.32 7.96
C LEU A 164 -20.07 -2.74 6.77
N ALA A 165 -20.73 -3.26 5.73
CA ALA A 165 -20.00 -3.71 4.55
C ALA A 165 -19.37 -2.56 3.86
N ARG A 166 -18.28 -2.82 3.17
CA ARG A 166 -17.61 -1.79 2.38
C ARG A 166 -16.89 -2.41 1.20
N LEU A 167 -16.64 -1.59 0.20
CA LEU A 167 -15.88 -1.95 -0.95
C LEU A 167 -14.42 -2.06 -0.53
N TYR A 168 -13.72 -3.04 -1.11
CA TYR A 168 -12.34 -3.31 -0.82
C TYR A 168 -11.51 -3.27 -2.12
N ASN A 169 -10.32 -2.69 -2.06
CA ASN A 169 -9.48 -2.63 -3.22
C ASN A 169 -8.61 -3.87 -3.33
N SER A 170 -9.01 -4.75 -4.27
CA SER A 170 -8.31 -6.00 -4.58
C SER A 170 -7.05 -5.76 -5.37
N GLU A 171 -7.03 -4.71 -6.23
CA GLU A 171 -5.88 -4.36 -7.07
C GLU A 171 -4.65 -3.93 -6.25
N GLU A 172 -4.83 -3.02 -5.28
CA GLU A 172 -3.78 -2.51 -4.40
C GLU A 172 -4.31 -2.28 -2.98
N SER A 173 -3.47 -2.45 -1.95
CA SER A 173 -3.92 -2.28 -0.56
C SER A 173 -4.32 -0.84 -0.18
N ARG A 174 -5.37 -0.76 0.66
CA ARG A 174 -5.92 0.48 1.19
C ARG A 174 -6.20 0.34 2.68
N PRO A 175 -6.26 1.47 3.42
CA PRO A 175 -6.54 1.41 4.88
C PRO A 175 -8.04 1.43 5.21
N TYR A 176 -8.47 0.54 6.13
CA TYR A 176 -9.86 0.39 6.53
C TYR A 176 -10.03 0.51 8.04
N ASN A 178 -10.41 -0.38 11.68
CA ASN A 178 -9.97 -1.55 12.49
C ASN A 178 -11.04 -2.18 13.41
N LYS A 179 -11.86 -1.36 14.08
CA LYS A 179 -12.83 -1.93 15.03
C LYS A 179 -14.13 -2.30 14.35
N VAL A 180 -14.12 -3.45 13.65
CA VAL A 180 -15.23 -4.00 12.89
C VAL A 180 -15.34 -5.41 13.37
N ILE A 181 -16.54 -6.02 13.26
CA ILE A 181 -16.84 -7.38 13.72
C ILE A 181 -17.02 -7.43 15.21
N THR A 182 -18.12 -8.07 15.69
CA THR A 182 -18.35 -8.23 17.13
C THR A 182 -17.18 -9.05 17.65
N LEU A 183 -16.79 -8.75 18.85
CA LEU A 183 -15.59 -9.27 19.42
C LEU A 183 -15.38 -10.75 19.29
N TRP A 184 -16.41 -11.52 19.57
CA TRP A 184 -16.32 -12.97 19.59
C TRP A 184 -16.01 -13.57 18.25
N TYR A 185 -16.35 -12.84 17.19
CA TYR A 185 -16.11 -13.32 15.84
C TYR A 185 -14.97 -12.57 15.17
N ARG A 186 -14.29 -11.66 15.89
CA ARG A 186 -13.23 -10.83 15.33
C ARG A 186 -11.87 -11.56 15.20
N PRO A 187 -11.28 -11.53 13.99
CA PRO A 187 -9.99 -12.21 13.74
C PRO A 187 -8.77 -11.60 14.45
N PRO A 188 -7.68 -12.39 14.59
CA PRO A 188 -6.46 -11.95 15.27
C PRO A 188 -5.84 -10.69 14.70
N GLU A 189 -5.77 -10.55 13.36
CA GLU A 189 -5.14 -9.40 12.72
C GLU A 189 -5.77 -8.08 13.13
N LEU A 190 -7.09 -8.09 13.37
CA LEU A 190 -7.81 -6.88 13.80
C LEU A 190 -7.52 -6.58 15.26
N LEU A 191 -7.55 -7.63 16.12
CA LEU A 191 -7.25 -7.49 17.53
C LEU A 191 -5.85 -6.88 17.66
N LEU A 192 -4.90 -7.30 16.78
CA LEU A 192 -3.52 -6.82 16.74
C LEU A 192 -3.36 -5.49 16.00
N GLY A 193 -4.46 -4.91 15.54
CA GLY A 193 -4.44 -3.57 14.97
C GLY A 193 -4.27 -3.37 13.49
N GLU A 194 -4.40 -4.43 12.68
CA GLU A 194 -4.32 -4.27 11.24
C GLU A 194 -5.40 -3.31 10.70
N GLU A 195 -5.01 -2.47 9.76
CA GLU A 195 -5.97 -1.61 9.08
C GLU A 195 -5.97 -1.86 7.59
N ARG A 196 -5.03 -2.65 7.07
CA ARG A 196 -5.02 -2.90 5.64
C ARG A 196 -5.27 -4.37 5.52
N TYR A 197 -6.46 -4.78 5.96
CA TYR A 197 -6.90 -6.16 6.02
C TYR A 197 -7.66 -6.57 4.82
N THR A 198 -8.06 -7.83 4.81
CA THR A 198 -8.59 -8.45 3.62
C THR A 198 -9.88 -9.18 3.87
N PRO A 199 -10.48 -9.72 2.80
CA PRO A 199 -11.67 -10.55 2.96
C PRO A 199 -11.45 -11.73 3.91
N ALA A 200 -10.18 -12.02 4.26
CA ALA A 200 -9.89 -13.09 5.21
C ALA A 200 -10.58 -12.85 6.55
N ILE A 201 -10.86 -11.58 6.91
CA ILE A 201 -11.50 -11.27 8.20
C ILE A 201 -12.88 -11.99 8.29
N ASP A 202 -13.62 -12.02 7.17
CA ASP A 202 -14.94 -12.63 7.14
C ASP A 202 -14.89 -14.17 7.25
N VAL A 203 -13.87 -14.77 6.60
CA VAL A 203 -13.71 -16.22 6.67
C VAL A 203 -13.46 -16.64 8.11
N TRP A 204 -12.65 -15.86 8.87
CA TRP A 204 -12.43 -16.12 10.29
C TRP A 204 -13.78 -16.15 11.03
N SER A 205 -14.65 -15.15 10.79
CA SER A 205 -15.98 -15.06 11.38
C SER A 205 -16.77 -16.34 11.09
N CYS A 206 -16.73 -16.81 9.82
CA CYS A 206 -17.39 -18.04 9.42
C CYS A 206 -16.83 -19.29 10.10
N GLY A 207 -15.51 -19.36 10.32
CA GLY A 207 -14.89 -20.46 11.03
C GLY A 207 -15.43 -20.55 12.44
N CYS A 208 -15.66 -19.38 13.06
CA CYS A 208 -16.28 -19.29 14.37
C CYS A 208 -17.72 -19.84 14.35
N ILE A 209 -18.51 -19.53 13.30
CA ILE A 209 -19.86 -20.06 13.15
C ILE A 209 -19.76 -21.57 13.01
N LEU A 210 -18.86 -22.05 12.13
CA LEU A 210 -18.69 -23.46 11.90
C LEU A 210 -18.46 -24.20 13.19
N GLY A 211 -17.50 -23.74 13.97
CA GLY A 211 -17.22 -24.35 15.25
C GLY A 211 -18.41 -24.27 16.17
N GLU A 212 -19.06 -23.11 16.20
CA GLU A 212 -20.22 -22.90 17.05
C GLU A 212 -21.38 -23.82 16.73
N LEU A 213 -21.58 -24.15 15.45
CA LEU A 213 -22.63 -25.08 15.06
C LEU A 213 -22.47 -26.44 15.72
N PHE A 214 -21.22 -26.92 15.86
CA PHE A 214 -20.90 -28.18 16.52
C PHE A 214 -21.00 -28.15 18.04
N THR A 215 -20.68 -27.03 18.67
CA THR A 215 -20.68 -26.97 20.12
C THR A 215 -21.88 -26.26 20.70
N LYS A 216 -22.61 -25.54 19.88
CA LYS A 216 -23.82 -24.77 20.23
C LYS A 216 -23.52 -23.56 21.14
N LYS A 217 -22.25 -23.27 21.35
CA LYS A 217 -21.79 -22.15 22.14
C LYS A 217 -20.72 -21.42 21.35
N PRO A 218 -20.64 -20.09 21.48
CA PRO A 218 -19.59 -19.34 20.77
C PRO A 218 -18.24 -19.80 21.29
N ILE A 219 -17.32 -20.15 20.36
CA ILE A 219 -16.03 -20.75 20.72
C ILE A 219 -15.03 -19.77 21.40
N PHE A 220 -15.16 -18.45 21.19
CA PHE A 220 -14.30 -17.48 21.88
C PHE A 220 -15.13 -16.45 22.59
N GLN A 221 -15.25 -16.55 23.92
CA GLN A 221 -16.11 -15.60 24.62
C GLN A 221 -15.40 -14.70 25.60
N ALA A 222 -14.89 -13.57 25.15
CA ALA A 222 -14.25 -12.63 26.06
C ALA A 222 -14.92 -11.26 25.98
N ASN A 223 -14.73 -10.46 27.01
CA ASN A 223 -15.28 -9.14 27.19
C ASN A 223 -14.39 -8.04 26.59
N LEU A 224 -13.07 -8.29 26.52
CA LEU A 224 -12.08 -7.34 26.05
C LEU A 224 -11.11 -7.96 25.09
N GLU A 225 -10.44 -7.11 24.32
CA GLU A 225 -9.54 -7.49 23.23
C GLU A 225 -8.39 -8.38 23.62
N LEU A 226 -7.68 -8.02 24.71
CA LEU A 226 -6.54 -8.79 25.18
C LEU A 226 -7.04 -10.16 25.63
N ALA A 227 -8.14 -10.20 26.38
CA ALA A 227 -8.72 -11.45 26.85
C ALA A 227 -9.13 -12.31 25.68
N GLN A 228 -9.63 -11.68 24.61
CA GLN A 228 -10.04 -12.38 23.39
C GLN A 228 -8.87 -12.98 22.66
N LEU A 229 -7.76 -12.24 22.56
CA LEU A 229 -6.56 -12.73 21.92
C LEU A 229 -6.02 -13.92 22.68
N GLU A 230 -6.07 -13.86 24.02
CA GLU A 230 -5.59 -14.96 24.84
C GLU A 230 -6.41 -16.22 24.60
N LEU A 231 -7.75 -16.10 24.55
CA LEU A 231 -8.61 -17.25 24.27
C LEU A 231 -8.33 -17.84 22.91
N ILE A 232 -8.08 -16.96 21.92
CA ILE A 232 -7.76 -17.42 20.57
C ILE A 232 -6.43 -18.16 20.61
N SER A 233 -5.43 -17.55 21.27
CA SER A 233 -4.13 -18.15 21.44
C SER A 233 -4.26 -19.54 22.08
N ARG A 234 -5.00 -19.69 23.18
CA ARG A 234 -5.18 -20.97 23.87
C ARG A 234 -5.59 -22.13 22.94
N LEU A 235 -6.40 -21.83 21.92
CA LEU A 235 -6.86 -22.88 21.03
C LEU A 235 -6.06 -23.01 19.74
N CYS A 236 -5.80 -21.88 19.09
CA CYS A 236 -5.16 -21.85 17.78
C CYS A 236 -3.63 -21.77 17.86
N GLY A 237 -3.10 -21.50 19.04
CA GLY A 237 -1.69 -21.29 19.25
C GLY A 237 -1.44 -19.79 19.31
N SER A 238 -0.29 -19.42 19.93
CA SER A 238 0.12 -18.04 20.01
C SER A 238 0.52 -17.55 18.64
N PRO A 239 0.22 -16.27 18.33
CA PRO A 239 0.68 -15.68 17.07
C PRO A 239 2.17 -15.48 17.20
N CYS A 240 2.91 -15.84 16.15
CA CYS A 240 4.37 -15.72 16.15
C CYS A 240 4.83 -15.88 14.71
N PRO A 241 6.05 -15.41 14.42
CA PRO A 241 6.57 -15.47 13.05
C PRO A 241 6.63 -16.83 12.42
N ALA A 242 6.82 -17.88 13.23
CA ALA A 242 6.91 -19.24 12.72
C ALA A 242 5.72 -19.63 11.88
N VAL A 243 4.53 -19.24 12.34
CA VAL A 243 3.27 -19.47 11.62
C VAL A 243 2.79 -18.20 10.89
N TRP A 244 3.22 -17.02 11.34
CA TRP A 244 2.72 -15.75 10.86
C TRP A 244 3.84 -14.72 10.83
N PRO A 245 4.65 -14.77 9.78
CA PRO A 245 5.84 -13.91 9.68
C PRO A 245 5.57 -12.42 9.78
N ASP A 246 4.53 -12.00 9.06
CA ASP A 246 4.12 -10.62 8.98
C ASP A 246 3.50 -10.10 10.30
N VAL A 247 3.40 -10.94 11.33
CA VAL A 247 2.75 -10.56 12.58
C VAL A 247 3.50 -9.50 13.32
N ILE A 248 4.81 -9.53 13.18
CA ILE A 248 5.74 -8.58 13.83
C ILE A 248 5.56 -7.16 13.33
N LYS A 249 5.02 -6.97 12.10
CA LYS A 249 4.64 -5.70 11.49
C LYS A 249 3.32 -5.09 12.10
N LEU A 250 2.57 -5.86 12.91
CA LEU A 250 1.31 -5.35 13.47
C LEU A 250 1.51 -4.51 14.73
N PRO A 251 0.77 -3.36 14.79
CA PRO A 251 0.89 -2.40 15.90
C PRO A 251 0.93 -2.93 17.33
N TYR A 252 0.05 -3.85 17.68
CA TYR A 252 -0.08 -4.30 19.06
C TYR A 252 0.55 -5.63 19.34
N PHE A 253 1.37 -6.12 18.43
CA PHE A 253 1.97 -7.42 18.60
C PHE A 253 2.75 -7.59 19.92
N ASN A 254 3.62 -6.63 20.24
CA ASN A 254 4.38 -6.65 21.47
C ASN A 254 3.56 -6.28 22.69
N THR A 255 2.65 -5.32 22.53
CA THR A 255 1.75 -4.85 23.58
C THR A 255 0.78 -5.96 24.01
N MET A 256 0.09 -6.58 23.06
CA MET A 256 -0.87 -7.63 23.35
C MET A 256 -0.20 -8.95 23.12
N LYS A 257 0.24 -9.55 24.20
CA LYS A 257 0.90 -10.83 24.10
C LYS A 257 0.18 -11.79 25.00
N PRO A 258 -0.11 -12.99 24.47
CA PRO A 258 -0.80 -14.01 25.26
C PRO A 258 0.04 -14.36 26.50
N LYS A 259 -0.50 -15.21 27.36
CA LYS A 259 0.16 -15.57 28.60
C LYS A 259 1.39 -16.49 28.44
N LYS A 260 1.23 -17.66 27.80
CA LYS A 260 2.32 -18.59 27.49
C LYS A 260 2.37 -18.70 26.00
N GLN A 261 3.41 -19.30 25.44
CA GLN A 261 3.48 -19.50 24.01
C GLN A 261 2.84 -20.83 23.76
N TYR A 262 1.53 -20.78 23.54
CA TYR A 262 0.65 -21.92 23.32
C TYR A 262 0.85 -22.66 22.01
N ARG A 263 0.66 -23.97 22.08
CA ARG A 263 0.68 -24.81 20.91
C ARG A 263 -0.77 -24.89 20.48
N ARG A 264 -0.98 -25.19 19.19
CA ARG A 264 -2.28 -25.31 18.61
C ARG A 264 -2.83 -26.66 19.02
N ARG A 265 -3.98 -26.63 19.69
CA ARG A 265 -4.68 -27.83 20.15
C ARG A 265 -6.10 -27.82 19.62
N LEU A 266 -6.31 -27.20 18.45
CA LEU A 266 -7.62 -27.09 17.83
C LEU A 266 -8.18 -28.46 17.52
N ARG A 267 -7.33 -29.36 16.96
CA ARG A 267 -7.72 -30.71 16.57
C ARG A 267 -8.03 -31.61 17.74
N GLU A 268 -7.42 -31.35 18.87
CA GLU A 268 -7.70 -32.13 20.05
C GLU A 268 -9.03 -31.68 20.66
N GLU A 269 -9.17 -30.36 20.84
CA GLU A 269 -10.37 -29.75 21.42
C GLU A 269 -11.65 -30.09 20.66
N PHE A 270 -11.54 -30.20 19.33
CA PHE A 270 -12.66 -30.51 18.47
C PHE A 270 -12.51 -31.87 17.81
N SER A 271 -11.96 -32.86 18.53
CA SER A 271 -11.82 -34.21 17.95
C SER A 271 -13.17 -34.88 17.69
N PHE A 272 -14.19 -34.51 18.50
CA PHE A 272 -15.57 -35.01 18.38
C PHE A 272 -16.22 -34.65 17.04
N ILE A 273 -15.69 -33.63 16.38
CA ILE A 273 -16.15 -33.21 15.07
C ILE A 273 -15.68 -34.19 13.98
N PRO A 274 -16.50 -34.45 12.94
CA PRO A 274 -16.04 -35.28 11.82
C PRO A 274 -14.77 -34.73 11.19
N SER A 275 -13.85 -35.62 10.81
CA SER A 275 -12.54 -35.30 10.26
C SER A 275 -12.55 -34.25 9.13
N ALA A 276 -13.46 -34.39 8.14
CA ALA A 276 -13.50 -33.43 7.04
C ALA A 276 -13.96 -32.04 7.48
N ALA A 277 -14.88 -31.98 8.45
CA ALA A 277 -15.33 -30.72 9.01
C ALA A 277 -14.17 -30.08 9.74
N LEU A 278 -13.40 -30.91 10.42
CA LEU A 278 -12.28 -30.48 11.24
C LEU A 278 -11.13 -29.91 10.42
N ASP A 279 -10.87 -30.47 9.23
CA ASP A 279 -9.89 -29.96 8.29
C ASP A 279 -10.27 -28.53 7.93
N LEU A 280 -11.52 -28.35 7.49
CA LEU A 280 -12.07 -27.06 7.12
C LEU A 280 -11.97 -26.09 8.28
N LEU A 281 -12.39 -26.50 9.49
CA LEU A 281 -12.30 -25.63 10.65
C LEU A 281 -10.88 -25.17 10.90
N ASP A 282 -9.93 -26.10 10.75
CA ASP A 282 -8.52 -25.84 10.97
C ASP A 282 -8.03 -24.75 10.01
N HIS A 283 -8.33 -24.91 8.74
CA HIS A 283 -7.95 -23.99 7.71
C HIS A 283 -8.61 -22.60 7.86
N MET A 284 -9.88 -22.55 8.28
CA MET A 284 -10.62 -21.30 8.51
C MET A 284 -10.10 -20.54 9.72
N LEU A 285 -9.65 -21.26 10.74
CA LEU A 285 -9.13 -20.64 11.94
C LEU A 285 -7.62 -20.61 11.99
N THR A 286 -7.02 -20.44 10.81
CA THR A 286 -5.59 -20.28 10.65
C THR A 286 -5.27 -18.83 10.98
N LEU A 287 -4.34 -18.61 11.89
CA LEU A 287 -3.95 -17.30 12.38
C LEU A 287 -3.50 -16.29 11.32
N ASP A 288 -2.65 -16.72 10.38
CA ASP A 288 -2.08 -15.86 9.35
C ASP A 288 -3.09 -15.62 8.24
N PRO A 289 -3.65 -14.40 8.11
CA PRO A 289 -4.71 -14.20 7.11
C PRO A 289 -4.31 -14.58 5.71
N SER A 290 -2.99 -14.52 5.40
CA SER A 290 -2.53 -14.90 4.08
C SER A 290 -2.54 -16.40 3.86
N LYS A 291 -2.54 -17.19 4.93
CA LYS A 291 -2.61 -18.65 4.86
C LYS A 291 -4.05 -19.17 5.12
N ARG A 292 -4.94 -18.30 5.60
CA ARG A 292 -6.32 -18.66 5.89
C ARG A 292 -7.02 -18.96 4.57
N CYS A 293 -7.87 -19.99 4.52
CA CYS A 293 -8.52 -20.27 3.24
C CYS A 293 -9.45 -19.19 2.81
N THR A 294 -9.61 -19.04 1.50
CA THR A 294 -10.55 -18.08 0.96
C THR A 294 -11.94 -18.69 0.98
N ALA A 295 -12.96 -17.90 0.64
CA ALA A 295 -14.30 -18.44 0.60
C ALA A 295 -14.38 -19.45 -0.55
N GLU A 296 -13.66 -19.21 -1.66
CA GLU A 296 -13.64 -20.14 -2.79
C GLU A 296 -13.02 -21.44 -2.36
N GLN A 297 -11.96 -21.39 -1.55
CA GLN A 297 -11.30 -22.59 -1.07
C GLN A 297 -12.16 -23.45 -0.16
N THR A 298 -13.00 -22.84 0.70
CA THR A 298 -13.88 -23.60 1.59
C THR A 298 -14.84 -24.50 0.78
N LEU A 299 -15.30 -23.98 -0.32
CA LEU A 299 -16.22 -24.66 -1.21
C LEU A 299 -15.62 -25.81 -1.93
N GLN A 300 -14.29 -25.86 -1.99
CA GLN A 300 -13.56 -26.94 -2.64
C GLN A 300 -13.08 -27.96 -1.61
N SER A 301 -13.36 -27.71 -0.33
CA SER A 301 -12.99 -28.65 0.74
C SER A 301 -13.77 -29.96 0.65
N ASP A 302 -13.26 -31.01 1.30
CA ASP A 302 -13.92 -32.31 1.33
C ASP A 302 -15.34 -32.16 1.86
N PHE A 303 -15.48 -31.46 3.00
CA PHE A 303 -16.75 -31.19 3.67
C PHE A 303 -17.85 -30.61 2.79
N LEU A 304 -17.49 -29.72 1.86
CA LEU A 304 -18.51 -29.02 1.06
C LEU A 304 -18.56 -29.35 -0.41
N LYS A 305 -17.42 -29.77 -0.99
CA LYS A 305 -17.30 -29.95 -2.45
C LYS A 305 -18.37 -30.82 -3.04
N ASP A 306 -18.84 -31.87 -2.31
CA ASP A 306 -19.87 -32.79 -2.81
C ASP A 306 -21.25 -32.63 -2.21
N VAL A 307 -21.47 -31.56 -1.50
CA VAL A 307 -22.77 -31.30 -0.94
C VAL A 307 -23.72 -30.92 -2.07
N GLU A 308 -24.73 -31.77 -2.30
CA GLU A 308 -25.74 -31.52 -3.32
C GLU A 308 -26.94 -30.97 -2.60
N LEU A 309 -27.19 -29.68 -2.76
CA LEU A 309 -28.25 -29.00 -2.02
C LEU A 309 -29.62 -29.52 -2.33
N SER A 310 -29.92 -29.70 -3.62
CA SER A 310 -31.21 -30.21 -4.07
C SER A 310 -31.55 -31.54 -3.40
N LYS A 311 -30.54 -32.36 -3.13
CA LYS A 311 -30.72 -33.68 -2.54
C LYS A 311 -30.75 -33.67 -1.01
N MET A 312 -30.84 -32.50 -0.39
CA MET A 312 -30.83 -32.47 1.07
C MET A 312 -32.20 -32.24 1.65
N ALA A 313 -32.51 -32.98 2.73
CA ALA A 313 -33.77 -32.83 3.43
C ALA A 313 -33.72 -31.53 4.21
N PRO A 314 -34.85 -30.81 4.31
CA PRO A 314 -34.85 -29.59 5.10
C PRO A 314 -34.67 -30.04 6.54
N PRO A 315 -34.19 -29.16 7.41
CA PRO A 315 -34.01 -29.56 8.81
C PRO A 315 -35.32 -29.47 9.60
N ASP A 316 -35.30 -29.91 10.86
CA ASP A 316 -36.47 -29.85 11.69
C ASP A 316 -36.42 -28.64 12.59
N LEU A 317 -36.90 -27.57 12.02
CA LEU A 317 -36.92 -26.27 12.64
C LEU A 317 -38.29 -26.02 13.20
N PRO A 318 -38.37 -25.37 14.37
CA PRO A 318 -39.69 -25.10 14.96
C PRO A 318 -40.57 -24.22 14.08
N HIS A 319 -41.85 -24.39 14.14
CA HIS A 319 -42.65 -23.42 13.44
C HIS A 319 -43.09 -22.39 14.50
N TRP A 320 -42.36 -22.36 15.62
CA TRP A 320 -42.53 -21.50 16.79
C TRP A 320 -43.68 -20.52 16.72
N THR B 20 -34.87 -4.60 -13.59
CA THR B 20 -33.59 -4.50 -12.88
C THR B 20 -33.41 -3.06 -12.28
N LYS B 21 -32.74 -2.17 -13.03
CA LYS B 21 -32.42 -0.79 -12.65
C LYS B 21 -33.18 0.23 -13.53
N PRO B 22 -33.58 1.45 -13.01
CA PRO B 22 -34.31 2.43 -13.86
C PRO B 22 -33.57 2.85 -15.10
N CYS B 23 -34.33 3.33 -16.10
CA CYS B 23 -33.72 3.84 -17.30
C CYS B 23 -33.51 5.34 -17.09
N TRP B 24 -32.28 5.81 -17.29
CA TRP B 24 -32.00 7.21 -17.02
C TRP B 24 -31.65 7.99 -18.27
N TYR B 25 -32.15 7.53 -19.40
CA TYR B 25 -31.92 8.17 -20.68
C TYR B 25 -33.22 8.49 -21.38
N TRP B 26 -33.22 9.66 -21.98
CA TRP B 26 -34.37 10.24 -22.66
C TRP B 26 -34.00 10.64 -24.09
N ASP B 27 -35.03 10.83 -24.95
CA ASP B 27 -34.90 11.29 -26.33
C ASP B 27 -34.80 12.75 -26.29
N LYS B 28 -34.54 13.32 -27.45
CA LYS B 28 -34.57 14.76 -27.62
C LYS B 28 -36.04 15.22 -27.59
N LYS B 29 -36.96 14.39 -28.12
CA LYS B 29 -38.39 14.67 -28.05
C LYS B 29 -38.86 14.73 -26.59
N ASP B 30 -38.32 13.84 -25.76
CA ASP B 30 -38.63 13.81 -24.34
C ASP B 30 -38.07 15.02 -23.64
N LEU B 31 -36.87 15.45 -24.04
CA LEU B 31 -36.19 16.61 -23.45
C LEU B 31 -36.86 17.90 -23.82
N ALA B 32 -37.65 17.90 -24.89
CA ALA B 32 -38.47 19.05 -25.26
C ALA B 32 -39.76 19.09 -24.40
N HIS B 33 -40.06 18.01 -23.66
CA HIS B 33 -41.29 17.93 -22.88
C HIS B 33 -41.11 17.79 -21.38
N THR B 34 -40.08 18.42 -20.82
CA THR B 34 -39.81 18.36 -19.40
C THR B 34 -40.91 19.01 -18.61
N PRO B 35 -40.98 18.74 -17.30
CA PRO B 35 -42.03 19.34 -16.49
C PRO B 35 -42.00 20.86 -16.52
N SER B 36 -40.83 21.45 -16.67
CA SER B 36 -40.70 22.89 -16.76
C SER B 36 -41.28 23.45 -18.07
N GLN B 37 -41.07 22.78 -19.23
CA GLN B 37 -41.68 23.28 -20.47
C GLN B 37 -43.20 23.15 -20.41
N LEU B 38 -43.69 22.08 -19.76
CA LEU B 38 -45.11 21.84 -19.60
C LEU B 38 -45.74 22.96 -18.83
N GLU B 39 -44.99 23.55 -17.89
CA GLU B 39 -45.42 24.70 -17.15
C GLU B 39 -45.18 26.04 -17.86
N GLY B 40 -44.75 25.99 -19.13
CA GLY B 40 -44.57 27.19 -19.94
C GLY B 40 -43.22 27.91 -19.92
N LEU B 41 -42.20 27.32 -19.30
CA LEU B 41 -40.84 27.86 -19.29
C LEU B 41 -40.30 27.63 -20.70
N ASP B 42 -39.79 28.66 -21.37
CA ASP B 42 -39.33 28.39 -22.73
C ASP B 42 -38.01 27.59 -22.71
N PRO B 43 -37.71 26.88 -23.82
CA PRO B 43 -36.55 25.96 -23.84
C PRO B 43 -35.19 26.60 -23.53
N ALA B 44 -35.01 27.83 -23.98
CA ALA B 44 -33.80 28.60 -23.80
C ALA B 44 -33.62 28.92 -22.36
N THR B 45 -34.72 29.26 -21.65
CA THR B 45 -34.63 29.59 -20.22
C THR B 45 -34.30 28.35 -19.42
N GLU B 46 -34.88 27.19 -19.81
CA GLU B 46 -34.57 25.97 -19.09
C GLU B 46 -33.09 25.60 -19.24
N ALA B 47 -32.53 25.77 -20.46
CA ALA B 47 -31.14 25.45 -20.71
C ALA B 47 -30.28 26.33 -19.86
N ARG B 48 -30.70 27.57 -19.70
CA ARG B 48 -29.94 28.51 -18.91
C ARG B 48 -29.95 28.10 -17.44
N TYR B 49 -31.15 27.82 -16.92
CA TYR B 49 -31.33 27.37 -15.55
C TYR B 49 -30.45 26.15 -15.29
N ARG B 50 -30.40 25.20 -16.23
CA ARG B 50 -29.55 24.03 -16.06
C ARG B 50 -28.05 24.36 -16.02
N ARG B 51 -27.57 25.21 -16.97
CA ARG B 51 -26.18 25.64 -17.01
C ARG B 51 -25.81 26.27 -15.67
N GLU B 52 -26.68 27.19 -15.20
CA GLU B 52 -26.49 27.91 -13.96
C GLU B 52 -26.45 27.00 -12.76
N GLY B 53 -27.37 26.05 -12.69
CA GLY B 53 -27.41 25.10 -11.58
C GLY B 53 -26.16 24.25 -11.55
N ALA B 54 -25.77 23.69 -12.74
CA ALA B 54 -24.57 22.86 -12.90
C ALA B 54 -23.27 23.62 -12.50
N ARG B 55 -23.09 24.85 -13.05
CA ARG B 55 -21.94 25.69 -12.75
C ARG B 55 -21.91 26.06 -11.30
N PHE B 56 -23.06 26.21 -10.68
CA PHE B 56 -23.17 26.55 -9.25
C PHE B 56 -22.71 25.38 -8.39
N ILE B 57 -23.06 24.16 -8.79
CA ILE B 57 -22.63 22.95 -8.08
C ILE B 57 -21.10 22.82 -8.22
N PHE B 58 -20.62 23.00 -9.45
CA PHE B 58 -19.22 22.95 -9.77
C PHE B 58 -18.44 24.01 -8.96
N ASP B 59 -18.94 25.25 -8.90
CA ASP B 59 -18.28 26.33 -8.18
C ASP B 59 -18.27 26.12 -6.69
N VAL B 60 -19.41 25.76 -6.13
CA VAL B 60 -19.51 25.52 -4.69
C VAL B 60 -18.62 24.38 -4.28
N GLY B 61 -18.68 23.30 -5.03
CA GLY B 61 -17.94 22.09 -4.72
C GLY B 61 -16.45 22.28 -4.83
N THR B 62 -15.99 23.02 -5.86
CA THR B 62 -14.57 23.34 -6.06
C THR B 62 -14.02 24.12 -4.86
N ARG B 63 -14.75 25.16 -4.42
CA ARG B 63 -14.39 25.93 -3.25
C ARG B 63 -14.28 25.03 -2.01
N LEU B 64 -15.03 23.91 -1.96
CA LEU B 64 -15.00 23.00 -0.82
C LEU B 64 -13.97 21.89 -0.97
N GLY B 65 -13.22 21.94 -2.06
CA GLY B 65 -12.15 21.00 -2.35
C GLY B 65 -12.66 19.63 -2.72
N LEU B 66 -13.89 19.58 -3.24
CA LEU B 66 -14.48 18.33 -3.69
C LEU B 66 -13.94 18.07 -5.06
N HIS B 67 -13.81 16.79 -5.39
CA HIS B 67 -13.24 16.56 -6.66
C HIS B 67 -14.25 16.11 -7.67
N TYR B 68 -13.79 16.05 -8.91
CA TYR B 68 -14.57 15.92 -10.11
C TYR B 68 -15.67 14.89 -10.09
N ASP B 69 -15.50 13.75 -9.41
CA ASP B 69 -16.55 12.75 -9.42
C ASP B 69 -17.77 13.14 -8.56
N THR B 70 -17.49 13.76 -7.41
CA THR B 70 -18.52 14.23 -6.51
C THR B 70 -19.30 15.36 -7.19
N LEU B 71 -18.57 16.29 -7.84
CA LEU B 71 -19.24 17.39 -8.53
C LEU B 71 -20.16 16.84 -9.60
N ALA B 72 -19.65 15.88 -10.40
CA ALA B 72 -20.41 15.31 -11.50
C ALA B 72 -21.64 14.54 -11.02
N THR B 73 -21.51 13.76 -9.94
CA THR B 73 -22.63 13.01 -9.35
C THR B 73 -23.70 14.00 -8.91
N GLY B 74 -23.29 15.08 -8.20
CA GLY B 74 -24.19 16.15 -7.79
C GLY B 74 -24.95 16.70 -8.99
N ILE B 75 -24.22 16.94 -10.10
CA ILE B 75 -24.80 17.49 -11.32
C ILE B 75 -25.76 16.48 -11.99
N ILE B 76 -25.41 15.20 -12.03
CA ILE B 76 -26.27 14.19 -12.63
C ILE B 76 -27.61 14.10 -11.85
N TYR B 77 -27.55 14.12 -10.50
CA TYR B 77 -28.75 14.10 -9.67
C TYR B 77 -29.62 15.33 -10.00
N PHE B 78 -28.97 16.50 -10.19
CA PHE B 78 -29.61 17.77 -10.51
C PHE B 78 -30.37 17.66 -11.82
N HIS B 79 -29.71 17.20 -12.89
CA HIS B 79 -30.36 17.04 -14.19
C HIS B 79 -31.52 16.05 -14.16
N ARG B 80 -31.35 14.92 -13.46
CA ARG B 80 -32.38 13.91 -13.34
C ARG B 80 -33.54 14.46 -12.57
N PHE B 81 -33.28 15.24 -11.51
CA PHE B 81 -34.34 15.81 -10.69
C PHE B 81 -35.29 16.63 -11.55
N TYR B 82 -34.74 17.39 -12.49
CA TYR B 82 -35.55 18.27 -13.29
C TYR B 82 -36.22 17.57 -14.47
N MET B 83 -36.14 16.25 -14.54
CA MET B 83 -36.92 15.51 -15.53
C MET B 83 -38.28 15.16 -14.88
N PHE B 84 -38.42 15.39 -13.56
CA PHE B 84 -39.59 14.98 -12.80
C PHE B 84 -40.25 16.17 -12.12
N HIS B 85 -39.52 17.26 -11.95
CA HIS B 85 -39.98 18.47 -11.29
C HIS B 85 -39.74 19.71 -12.15
N SER B 86 -40.50 20.78 -11.88
CA SER B 86 -40.41 22.01 -12.66
C SER B 86 -39.54 23.03 -11.96
N PHE B 87 -38.73 23.81 -12.73
CA PHE B 87 -37.96 24.89 -12.13
C PHE B 87 -38.91 25.94 -11.55
N LYS B 88 -40.15 26.00 -12.04
CA LYS B 88 -41.14 26.93 -11.49
C LYS B 88 -41.58 26.56 -10.10
N GLN B 89 -41.42 25.29 -9.71
CA GLN B 89 -41.81 24.84 -8.36
C GLN B 89 -40.60 24.62 -7.47
N PHE B 90 -39.44 24.35 -8.04
CA PHE B 90 -38.28 24.06 -7.23
C PHE B 90 -37.10 24.96 -7.60
N PRO B 91 -36.77 25.96 -6.74
CA PRO B 91 -35.68 26.90 -7.02
C PRO B 91 -34.33 26.19 -7.28
N ARG B 92 -33.70 26.49 -8.42
CA ARG B 92 -32.54 25.74 -8.86
C ARG B 92 -31.36 25.65 -7.89
N TYR B 93 -30.97 26.75 -7.21
CA TYR B 93 -29.77 26.70 -6.37
C TYR B 93 -29.98 25.88 -5.13
N VAL B 94 -31.21 25.86 -4.63
CA VAL B 94 -31.55 25.04 -3.47
C VAL B 94 -31.35 23.61 -3.84
N THR B 95 -31.90 23.19 -5.00
CA THR B 95 -31.73 21.83 -5.51
C THR B 95 -30.25 21.51 -5.77
N GLY B 96 -29.51 22.45 -6.35
CA GLY B 96 -28.09 22.26 -6.56
C GLY B 96 -27.37 21.95 -5.26
N ALA B 97 -27.63 22.75 -4.21
CA ALA B 97 -26.99 22.57 -2.92
C ALA B 97 -27.33 21.21 -2.34
N CYS B 98 -28.59 20.81 -2.51
CA CYS B 98 -29.08 19.57 -2.01
C CYS B 98 -28.45 18.40 -2.74
N CYS B 99 -28.31 18.51 -4.06
CA CYS B 99 -27.65 17.49 -4.88
C CYS B 99 -26.17 17.36 -4.51
N LEU B 100 -25.48 18.46 -4.24
CA LEU B 100 -24.07 18.38 -3.87
C LEU B 100 -23.94 17.71 -2.51
N PHE B 101 -24.78 18.12 -1.55
CA PHE B 101 -24.81 17.58 -0.21
C PHE B 101 -24.93 16.07 -0.23
N LEU B 102 -25.92 15.56 -1.01
CA LEU B 102 -26.12 14.13 -1.14
C LEU B 102 -24.95 13.47 -1.80
N ALA B 103 -24.47 14.06 -2.90
CA ALA B 103 -23.35 13.52 -3.67
C ALA B 103 -22.13 13.33 -2.81
N GLY B 104 -21.87 14.27 -1.90
CA GLY B 104 -20.79 14.20 -0.93
C GLY B 104 -20.84 12.92 -0.12
N LYS B 105 -22.04 12.53 0.34
CA LYS B 105 -22.20 11.33 1.14
C LYS B 105 -22.05 10.09 0.29
N VAL B 106 -22.70 10.10 -0.87
CA VAL B 106 -22.63 8.98 -1.78
C VAL B 106 -21.19 8.64 -2.20
N GLU B 107 -20.40 9.68 -2.50
CA GLU B 107 -19.04 9.53 -2.98
C GLU B 107 -18.00 9.50 -1.90
N GLU B 108 -18.45 9.39 -0.63
CA GLU B 108 -17.55 9.27 0.51
C GLU B 108 -16.65 10.49 0.65
N THR B 109 -17.14 11.67 0.27
CA THR B 109 -16.40 12.91 0.47
C THR B 109 -17.39 13.87 1.11
N PRO B 110 -17.89 13.53 2.32
CA PRO B 110 -18.94 14.34 2.92
C PRO B 110 -18.52 15.74 3.31
N LYS B 111 -19.47 16.65 3.20
CA LYS B 111 -19.35 18.04 3.60
C LYS B 111 -20.56 18.37 4.44
N LYS B 112 -20.35 19.22 5.46
CA LYS B 112 -21.43 19.64 6.35
C LYS B 112 -22.37 20.52 5.53
N CYS B 113 -23.66 20.36 5.77
CA CYS B 113 -24.64 21.16 5.06
C CYS B 113 -24.36 22.63 5.32
N LYS B 114 -23.94 22.96 6.57
CA LYS B 114 -23.60 24.31 7.00
C LYS B 114 -22.59 24.92 6.06
N ASP B 115 -21.59 24.13 5.63
CA ASP B 115 -20.50 24.62 4.80
C ASP B 115 -20.91 24.84 3.36
N ILE B 116 -21.83 24.02 2.87
CA ILE B 116 -22.39 24.19 1.54
C ILE B 116 -23.19 25.49 1.56
N ILE B 117 -23.97 25.72 2.61
CA ILE B 117 -24.71 26.98 2.68
C ILE B 117 -23.76 28.17 2.67
N LYS B 118 -22.73 28.13 3.55
CA LYS B 118 -21.79 29.23 3.65
C LYS B 118 -21.15 29.54 2.30
N THR B 119 -20.74 28.50 1.55
CA THR B 119 -20.14 28.71 0.23
C THR B 119 -21.14 29.30 -0.76
N ALA B 120 -22.40 28.83 -0.70
CA ALA B 120 -23.46 29.30 -1.57
C ALA B 120 -23.72 30.77 -1.30
N ARG B 121 -23.77 31.16 -0.01
CA ARG B 121 -23.96 32.54 0.38
C ARG B 121 -22.88 33.43 -0.23
N SER B 122 -21.66 32.93 -0.27
CA SER B 122 -20.53 33.67 -0.79
C SER B 122 -20.53 33.82 -2.31
N LEU B 123 -20.96 32.74 -3.03
CA LEU B 123 -20.96 32.73 -4.48
C LEU B 123 -22.15 33.41 -5.14
N LEU B 124 -23.30 33.44 -4.48
CA LEU B 124 -24.52 34.00 -5.05
C LEU B 124 -24.80 35.41 -4.61
N ASN B 125 -25.46 36.18 -5.49
CA ASN B 125 -25.94 37.51 -5.14
C ASN B 125 -27.17 37.38 -4.21
N ASP B 126 -27.64 38.50 -3.71
CA ASP B 126 -28.72 38.54 -2.73
C ASP B 126 -30.01 37.97 -3.26
N VAL B 127 -30.29 38.22 -4.54
CA VAL B 127 -31.49 37.79 -5.23
C VAL B 127 -31.44 36.28 -5.41
N GLN B 128 -30.29 35.78 -5.90
CA GLN B 128 -30.04 34.36 -6.13
C GLN B 128 -30.15 33.63 -4.81
N PHE B 129 -29.54 34.19 -3.76
CA PHE B 129 -29.56 33.55 -2.45
C PHE B 129 -30.93 33.65 -1.77
N GLY B 130 -31.81 34.50 -2.30
CA GLY B 130 -33.17 34.62 -1.81
C GLY B 130 -33.93 33.31 -1.87
N GLN B 131 -33.53 32.44 -2.83
CA GLN B 131 -34.11 31.11 -3.07
C GLN B 131 -34.09 30.25 -1.82
N PHE B 132 -33.06 30.42 -0.98
CA PHE B 132 -32.89 29.61 0.22
C PHE B 132 -33.86 29.92 1.36
N GLY B 133 -34.51 31.07 1.30
CA GLY B 133 -35.48 31.44 2.33
C GLY B 133 -34.85 31.85 3.63
N ASP B 134 -35.64 31.78 4.71
CA ASP B 134 -35.19 32.16 6.05
C ASP B 134 -34.29 31.16 6.70
N ASP B 135 -34.55 29.86 6.48
CA ASP B 135 -33.70 28.82 7.03
C ASP B 135 -33.08 28.04 5.88
N PRO B 136 -31.96 28.54 5.35
CA PRO B 136 -31.33 27.90 4.19
C PRO B 136 -30.99 26.45 4.39
N LYS B 137 -30.41 26.10 5.54
CA LYS B 137 -30.04 24.72 5.83
C LYS B 137 -31.27 23.83 5.84
N GLU B 138 -32.39 24.29 6.45
CA GLU B 138 -33.63 23.51 6.52
C GLU B 138 -34.25 23.30 5.16
N GLU B 139 -34.18 24.33 4.33
CA GLU B 139 -34.66 24.24 2.97
C GLU B 139 -33.96 23.09 2.22
N VAL B 140 -32.64 22.95 2.40
CA VAL B 140 -31.86 21.89 1.74
C VAL B 140 -32.18 20.50 2.33
N MET B 141 -32.22 20.40 3.65
CA MET B 141 -32.46 19.13 4.33
C MET B 141 -33.83 18.54 4.01
N VAL B 142 -34.83 19.41 3.96
CA VAL B 142 -36.20 19.02 3.64
C VAL B 142 -36.29 18.47 2.22
N LEU B 143 -35.48 19.02 1.32
CA LEU B 143 -35.49 18.59 -0.05
C LEU B 143 -34.84 17.23 -0.26
N GLU B 144 -33.93 16.83 0.63
CA GLU B 144 -33.18 15.60 0.47
C GLU B 144 -34.06 14.35 0.37
N ARG B 145 -35.14 14.31 1.12
CA ARG B 145 -36.14 13.24 1.13
C ARG B 145 -36.76 13.13 -0.27
N ILE B 146 -37.15 14.29 -0.83
CA ILE B 146 -37.74 14.36 -2.15
C ILE B 146 -36.73 13.95 -3.21
N LEU B 147 -35.50 14.46 -3.10
CA LEU B 147 -34.46 14.16 -4.05
C LEU B 147 -34.19 12.67 -4.12
N LEU B 148 -34.11 12.01 -2.95
CA LEU B 148 -33.85 10.59 -2.85
C LEU B 148 -34.93 9.77 -3.52
N GLN B 149 -36.22 10.15 -3.26
CA GLN B 149 -37.35 9.50 -3.87
C GLN B 149 -37.27 9.70 -5.36
N THR B 150 -36.95 10.95 -5.81
CA THR B 150 -36.89 11.32 -7.25
C THR B 150 -35.89 10.50 -8.04
N ILE B 151 -34.68 10.34 -7.48
CA ILE B 151 -33.63 9.56 -8.12
C ILE B 151 -33.85 8.06 -7.88
N LYS B 152 -34.94 7.70 -7.18
CA LYS B 152 -35.39 6.33 -6.96
C LYS B 152 -34.39 5.52 -6.19
N PHE B 153 -33.58 6.19 -5.35
CA PHE B 153 -32.55 5.53 -4.56
C PHE B 153 -31.50 4.86 -5.43
N ASP B 154 -31.33 5.33 -6.67
CA ASP B 154 -30.29 4.82 -7.55
C ASP B 154 -29.11 5.79 -7.44
N LEU B 155 -28.33 5.58 -6.39
CA LEU B 155 -27.22 6.43 -5.94
C LEU B 155 -25.91 6.34 -6.73
N GLN B 156 -25.57 5.13 -7.21
CA GLN B 156 -24.33 4.87 -7.95
C GLN B 156 -24.40 5.38 -9.37
N VAL B 157 -23.47 6.23 -9.74
CA VAL B 157 -23.43 6.85 -11.06
C VAL B 157 -22.00 6.86 -11.57
N GLU B 158 -21.80 6.53 -12.84
CA GLU B 158 -20.46 6.56 -13.44
C GLU B 158 -20.37 7.78 -14.38
N HIS B 159 -19.17 8.40 -14.47
CA HIS B 159 -18.97 9.62 -15.24
C HIS B 159 -18.04 9.43 -16.40
N PRO B 160 -17.99 10.36 -17.35
CA PRO B 160 -17.13 10.16 -18.52
C PRO B 160 -15.63 10.17 -18.19
N TYR B 161 -15.23 10.87 -17.11
CA TYR B 161 -13.83 11.02 -16.73
C TYR B 161 -13.08 9.71 -16.69
N GLN B 162 -13.57 8.74 -15.90
CA GLN B 162 -12.94 7.43 -15.76
C GLN B 162 -12.77 6.71 -17.08
N PHE B 163 -13.66 6.94 -18.06
CA PHE B 163 -13.55 6.26 -19.34
C PHE B 163 -12.60 6.97 -20.25
N LEU B 164 -12.57 8.31 -20.21
CA LEU B 164 -11.60 9.06 -20.96
C LEU B 164 -10.20 8.56 -20.55
N LEU B 165 -9.95 8.44 -19.24
CA LEU B 165 -8.64 7.98 -18.74
C LEU B 165 -8.32 6.56 -19.12
N LYS B 166 -9.28 5.62 -18.93
CA LYS B 166 -9.09 4.23 -19.28
C LYS B 166 -8.78 4.06 -20.77
N TYR B 167 -9.48 4.81 -21.64
CA TYR B 167 -9.32 4.66 -23.07
C TYR B 167 -8.06 5.32 -23.53
N ALA B 168 -7.77 6.52 -23.04
CA ALA B 168 -6.56 7.25 -23.44
C ALA B 168 -5.28 6.50 -23.06
N LYS B 169 -5.31 5.72 -21.97
CA LYS B 169 -4.23 4.85 -21.48
C LYS B 169 -3.84 3.80 -22.49
N GLN B 170 -4.81 3.26 -23.22
CA GLN B 170 -4.58 2.21 -24.20
C GLN B 170 -4.07 2.78 -25.53
N LEU B 171 -3.94 4.11 -25.61
CA LEU B 171 -3.42 4.74 -26.81
C LEU B 171 -1.90 4.69 -26.83
N LYS B 172 -1.31 4.26 -27.97
CA LYS B 172 0.16 4.17 -28.09
C LYS B 172 0.66 5.04 -29.22
N GLY B 173 1.36 6.08 -28.82
CA GLY B 173 1.91 7.06 -29.75
C GLY B 173 2.63 8.20 -29.03
N ASP B 174 2.72 9.36 -29.71
CA ASP B 174 3.38 10.54 -29.16
C ASP B 174 2.74 10.97 -27.85
N LYS B 175 3.50 10.85 -26.75
CA LYS B 175 3.05 11.18 -25.38
C LYS B 175 2.51 12.61 -25.25
N ASN B 176 3.20 13.58 -25.85
CA ASN B 176 2.76 14.96 -25.75
C ASN B 176 1.40 15.23 -26.43
N LYS B 177 1.11 14.55 -27.56
CA LYS B 177 -0.14 14.75 -28.30
C LYS B 177 -1.27 14.06 -27.57
N ILE B 178 -0.98 12.88 -27.03
CA ILE B 178 -1.97 12.12 -26.30
C ILE B 178 -2.36 12.87 -25.06
N GLN B 179 -1.37 13.45 -24.37
CA GLN B 179 -1.66 14.23 -23.18
C GLN B 179 -2.52 15.43 -23.55
N LYS B 180 -2.20 16.09 -24.66
CA LYS B 180 -2.98 17.24 -25.09
C LYS B 180 -4.42 16.84 -25.44
N LEU B 181 -4.60 15.68 -26.09
CA LEU B 181 -5.90 15.19 -26.45
C LEU B 181 -6.74 15.04 -25.18
N VAL B 182 -6.17 14.39 -24.16
CA VAL B 182 -6.83 14.16 -22.89
C VAL B 182 -7.14 15.43 -22.13
N GLN B 183 -6.21 16.36 -22.09
CA GLN B 183 -6.45 17.58 -21.34
C GLN B 183 -7.63 18.35 -21.94
N MET B 184 -7.66 18.39 -23.27
CA MET B 184 -8.71 19.10 -23.96
C MET B 184 -10.04 18.35 -23.77
N ALA B 185 -9.99 17.02 -23.93
CA ALA B 185 -11.16 16.19 -23.78
C ALA B 185 -11.77 16.37 -22.38
N TRP B 186 -10.91 16.42 -21.36
CA TRP B 186 -11.34 16.62 -19.99
C TRP B 186 -12.14 17.92 -19.83
N THR B 187 -11.62 19.01 -20.41
CA THR B 187 -12.32 20.29 -20.46
C THR B 187 -13.71 20.13 -21.09
N PHE B 188 -13.81 19.35 -22.17
CA PHE B 188 -15.09 19.11 -22.81
C PHE B 188 -16.08 18.33 -21.94
N VAL B 189 -15.58 17.44 -21.09
CA VAL B 189 -16.46 16.71 -20.17
C VAL B 189 -17.08 17.69 -19.19
N ASN B 190 -16.23 18.53 -18.55
CA ASN B 190 -16.68 19.60 -17.65
C ASN B 190 -17.81 20.40 -18.33
N ASP B 191 -17.60 20.83 -19.59
CA ASP B 191 -18.64 21.55 -20.31
C ASP B 191 -19.90 20.75 -20.52
N SER B 192 -19.77 19.47 -20.93
CA SER B 192 -20.94 18.61 -21.19
C SER B 192 -21.92 18.58 -19.99
N LEU B 193 -21.38 18.72 -18.77
CA LEU B 193 -22.17 18.67 -17.56
C LEU B 193 -23.19 19.77 -17.46
N CYS B 194 -22.98 20.86 -18.19
CA CYS B 194 -23.89 22.02 -18.27
C CYS B 194 -25.12 21.76 -19.14
N THR B 195 -25.04 20.71 -19.98
CA THR B 195 -26.08 20.31 -20.93
C THR B 195 -26.83 19.06 -20.40
N THR B 196 -27.86 18.63 -21.12
CA THR B 196 -28.62 17.45 -20.74
C THR B 196 -27.99 16.22 -21.41
N LEU B 197 -26.72 16.33 -21.85
CA LEU B 197 -25.99 15.23 -22.47
C LEU B 197 -25.96 13.98 -21.60
N SER B 198 -25.86 14.15 -20.26
CA SER B 198 -25.86 12.99 -19.36
C SER B 198 -27.20 12.28 -19.25
N LEU B 199 -28.27 12.93 -19.76
CA LEU B 199 -29.61 12.40 -19.73
C LEU B 199 -29.90 11.76 -21.08
N GLN B 200 -28.92 11.83 -22.01
CA GLN B 200 -29.11 11.32 -23.36
C GLN B 200 -28.21 10.12 -23.69
N TRP B 201 -26.94 10.17 -23.22
CA TRP B 201 -25.93 9.15 -23.57
C TRP B 201 -25.15 8.66 -22.38
N GLU B 202 -24.82 7.35 -22.39
CA GLU B 202 -24.01 6.72 -21.34
C GLU B 202 -22.61 7.36 -21.26
N PRO B 203 -22.00 7.38 -20.05
CA PRO B 203 -20.70 8.05 -19.89
C PRO B 203 -19.60 7.55 -20.81
N GLU B 204 -19.62 6.25 -21.14
CA GLU B 204 -18.64 5.65 -22.04
C GLU B 204 -18.66 6.34 -23.39
N ILE B 205 -19.87 6.65 -23.92
CA ILE B 205 -20.10 7.31 -25.20
C ILE B 205 -19.68 8.81 -25.13
N ILE B 206 -20.08 9.54 -24.07
CA ILE B 206 -19.62 10.90 -23.91
C ILE B 206 -18.07 10.93 -23.92
N ALA B 207 -17.41 9.95 -23.21
CA ALA B 207 -15.94 9.90 -23.17
C ALA B 207 -15.35 9.77 -24.57
N VAL B 208 -15.88 8.87 -25.39
CA VAL B 208 -15.37 8.73 -26.75
C VAL B 208 -15.63 10.01 -27.54
N ALA B 209 -16.86 10.59 -27.43
CA ALA B 209 -17.17 11.82 -28.16
C ALA B 209 -16.21 12.96 -27.82
N VAL B 210 -15.82 13.10 -26.55
CA VAL B 210 -14.90 14.21 -26.22
C VAL B 210 -13.50 13.96 -26.79
N MET B 211 -13.10 12.69 -26.90
CA MET B 211 -11.81 12.35 -27.47
C MET B 211 -11.87 12.69 -28.96
N TYR B 212 -13.01 12.35 -29.58
CA TYR B 212 -13.27 12.57 -30.99
C TYR B 212 -13.26 14.06 -31.28
N LEU B 213 -13.97 14.85 -30.46
CA LEU B 213 -13.99 16.30 -30.64
C LEU B 213 -12.58 16.84 -30.48
N ALA B 214 -11.84 16.42 -29.44
CA ALA B 214 -10.48 16.91 -29.25
C ALA B 214 -9.53 16.59 -30.41
N GLY B 215 -9.60 15.34 -30.90
CA GLY B 215 -8.84 14.89 -32.06
C GLY B 215 -9.13 15.76 -33.26
N ARG B 216 -10.40 16.04 -33.54
CA ARG B 216 -10.79 16.90 -34.66
C ARG B 216 -10.15 18.29 -34.55
N LEU B 217 -10.31 18.95 -33.38
CA LEU B 217 -9.78 20.31 -33.18
C LEU B 217 -8.25 20.36 -33.19
N CYS B 218 -7.60 19.27 -32.76
CA CYS B 218 -6.14 19.19 -32.71
C CYS B 218 -5.55 18.71 -34.01
N LYS B 219 -6.40 18.19 -34.90
CA LYS B 219 -6.00 17.61 -36.18
C LYS B 219 -5.17 16.35 -35.96
N PHE B 220 -5.50 15.59 -34.90
CA PHE B 220 -4.84 14.33 -34.58
C PHE B 220 -5.59 13.18 -35.21
N GLU B 221 -4.84 12.14 -35.62
CA GLU B 221 -5.40 10.94 -36.20
C GLU B 221 -5.35 9.86 -35.16
N ILE B 222 -6.39 9.78 -34.31
CA ILE B 222 -6.40 8.85 -33.18
C ILE B 222 -6.25 7.42 -33.61
N GLN B 223 -6.75 7.05 -34.81
CA GLN B 223 -6.62 5.66 -35.28
C GLN B 223 -5.17 5.26 -35.41
N GLU B 224 -4.28 6.24 -35.59
CA GLU B 224 -2.85 6.00 -35.67
C GLU B 224 -2.24 5.62 -34.32
N TRP B 225 -2.99 5.76 -33.26
CA TRP B 225 -2.48 5.42 -31.93
C TRP B 225 -3.01 4.09 -31.46
N THR B 226 -3.65 3.37 -32.37
CA THR B 226 -4.27 2.11 -32.03
C THR B 226 -3.64 0.94 -32.71
N SER B 227 -4.08 -0.24 -32.30
CA SER B 227 -3.68 -1.51 -32.85
C SER B 227 -4.15 -1.69 -34.30
N LYS B 228 -4.99 -0.77 -34.80
CA LYS B 228 -5.50 -0.83 -36.17
C LYS B 228 -5.33 0.51 -36.84
N PRO B 229 -4.10 0.92 -37.11
CA PRO B 229 -3.86 2.25 -37.67
C PRO B 229 -4.59 2.56 -38.96
N MET B 230 -4.99 1.50 -39.66
CA MET B 230 -5.70 1.58 -40.92
C MET B 230 -7.19 1.62 -40.68
N TYR B 231 -7.63 1.27 -39.48
CA TYR B 231 -9.03 1.27 -39.14
C TYR B 231 -9.54 2.60 -38.63
N ARG B 232 -10.41 3.23 -39.42
CA ARG B 232 -10.98 4.55 -39.17
C ARG B 232 -11.76 4.67 -37.85
N ARG B 233 -12.60 3.68 -37.55
CA ARG B 233 -13.47 3.71 -36.37
C ARG B 233 -12.74 3.20 -35.18
N TRP B 234 -11.74 3.97 -34.78
CA TRP B 234 -10.86 3.73 -33.66
C TRP B 234 -11.62 3.47 -32.37
N TRP B 235 -12.82 4.04 -32.21
CA TRP B 235 -13.54 3.90 -30.94
C TRP B 235 -14.22 2.58 -30.72
N GLU B 236 -14.34 1.75 -31.79
CA GLU B 236 -15.03 0.47 -31.71
C GLU B 236 -14.35 -0.52 -30.79
N GLN B 237 -13.11 -0.26 -30.40
CA GLN B 237 -12.44 -1.11 -29.44
C GLN B 237 -12.82 -0.68 -28.01
N PHE B 238 -13.45 0.49 -27.88
CA PHE B 238 -13.82 0.97 -26.58
C PHE B 238 -15.29 0.84 -26.31
N VAL B 239 -16.11 1.17 -27.32
CA VAL B 239 -17.57 1.10 -27.22
C VAL B 239 -18.15 0.38 -28.44
N GLN B 240 -19.24 -0.32 -28.28
CA GLN B 240 -19.79 -1.06 -29.39
C GLN B 240 -20.88 -0.31 -30.12
N ASP B 241 -20.81 -0.39 -31.44
CA ASP B 241 -21.83 0.09 -32.38
C ASP B 241 -22.33 1.48 -32.09
N VAL B 242 -21.39 2.40 -32.02
CA VAL B 242 -21.71 3.81 -31.82
C VAL B 242 -21.42 4.47 -33.15
N PRO B 243 -22.45 4.89 -33.89
CA PRO B 243 -22.20 5.52 -35.20
C PRO B 243 -21.58 6.90 -35.08
N VAL B 244 -20.96 7.33 -36.15
CA VAL B 244 -20.28 8.61 -36.20
C VAL B 244 -21.25 9.77 -36.03
N ASP B 245 -22.50 9.61 -36.48
CA ASP B 245 -23.50 10.67 -36.37
C ASP B 245 -23.86 10.98 -34.91
N VAL B 246 -23.76 9.96 -34.03
CA VAL B 246 -23.99 10.11 -32.59
C VAL B 246 -22.86 10.96 -32.00
N LEU B 247 -21.61 10.67 -32.40
CA LEU B 247 -20.45 11.42 -31.91
C LEU B 247 -20.54 12.87 -32.38
N GLU B 248 -20.91 13.06 -33.65
CA GLU B 248 -21.10 14.38 -34.23
C GLU B 248 -22.15 15.17 -33.47
N ASP B 249 -23.29 14.54 -33.18
CA ASP B 249 -24.40 15.17 -32.48
C ASP B 249 -23.93 15.71 -31.14
N ILE B 250 -23.21 14.87 -30.38
CA ILE B 250 -22.70 15.23 -29.06
C ILE B 250 -21.75 16.40 -29.20
N CYS B 251 -20.88 16.35 -30.22
CA CYS B 251 -19.90 17.41 -30.51
C CYS B 251 -20.59 18.73 -30.74
N HIS B 252 -21.63 18.73 -31.57
CA HIS B 252 -22.39 19.91 -31.91
C HIS B 252 -22.96 20.51 -30.64
N GLN B 253 -23.47 19.68 -29.74
CA GLN B 253 -24.08 20.14 -28.50
C GLN B 253 -23.09 20.78 -27.58
N ILE B 254 -21.87 20.22 -27.50
CA ILE B 254 -20.80 20.78 -26.71
C ILE B 254 -20.35 22.08 -27.34
N LEU B 255 -20.16 22.11 -28.67
CA LEU B 255 -19.72 23.32 -29.35
C LEU B 255 -20.70 24.49 -29.20
N ASP B 256 -21.99 24.19 -29.13
CA ASP B 256 -23.04 25.17 -28.92
C ASP B 256 -22.83 25.99 -27.69
N LEU B 257 -22.06 25.49 -26.73
CA LEU B 257 -21.76 26.23 -25.51
C LEU B 257 -20.79 27.36 -25.78
N TYR B 258 -20.03 27.25 -26.86
CA TYR B 258 -19.04 28.24 -27.21
C TYR B 258 -19.53 29.28 -28.21
N SER B 259 -20.63 28.97 -28.93
CA SER B 259 -21.21 29.84 -29.95
C SER B 259 -21.60 31.23 -29.46
N TRP C 3 38.81 -3.34 6.02
CA TRP C 3 38.44 -1.95 6.36
C TRP C 3 38.34 -1.64 7.82
N GLY C 4 38.52 -0.36 8.12
CA GLY C 4 38.41 0.17 9.46
C GLY C 4 39.71 0.36 10.19
N LYS C 5 40.76 -0.36 9.80
CA LYS C 5 42.00 -0.47 10.56
C LYS C 5 43.06 0.56 10.23
N ARG C 6 43.22 0.90 8.95
CA ARG C 6 44.20 1.88 8.49
C ARG C 6 43.92 3.21 9.20
N CYS C 7 44.96 3.95 9.53
CA CYS C 7 44.84 5.20 10.26
C CYS C 7 44.70 6.43 9.35
N VAL C 8 43.99 7.47 9.83
CA VAL C 8 43.80 8.70 9.06
C VAL C 8 45.11 9.45 8.89
N ASP C 9 46.07 9.24 9.80
CA ASP C 9 47.37 9.91 9.68
C ASP C 9 48.14 9.44 8.46
N LYS C 10 47.63 8.41 7.72
CA LYS C 10 48.21 7.95 6.46
C LYS C 10 47.83 8.91 5.34
N PHE C 11 47.03 9.95 5.65
CA PHE C 11 46.57 10.97 4.71
C PHE C 11 46.98 12.35 5.18
N ASP C 12 47.40 13.18 4.25
CA ASP C 12 47.73 14.56 4.56
C ASP C 12 46.51 15.36 4.22
N ILE C 13 45.95 16.03 5.22
CA ILE C 13 44.76 16.84 5.03
C ILE C 13 45.12 18.19 4.45
N ILE C 14 44.71 18.41 3.20
CA ILE C 14 44.92 19.63 2.46
C ILE C 14 43.92 20.72 2.88
N GLY C 15 42.61 20.44 2.79
CA GLY C 15 41.59 21.41 3.17
C GLY C 15 40.14 20.96 3.10
N ILE C 16 39.25 21.73 3.74
CA ILE C 16 37.81 21.44 3.77
C ILE C 16 37.15 21.76 2.43
N ILE C 17 36.43 20.79 1.87
CA ILE C 17 35.71 20.97 0.62
C ILE C 17 34.21 20.96 0.79
N GLY C 18 33.74 20.44 1.91
CA GLY C 18 32.31 20.38 2.13
C GLY C 18 31.89 20.26 3.57
N GLU C 19 30.63 20.51 3.78
CA GLU C 19 29.99 20.34 5.05
C GLU C 19 29.20 19.11 4.87
N GLY C 20 29.31 18.21 5.81
CA GLY C 20 28.64 16.93 5.74
C GLY C 20 27.66 16.83 6.89
N THR C 21 26.71 15.92 6.75
CA THR C 21 25.69 15.70 7.76
C THR C 21 26.26 15.34 9.14
N TYR C 22 27.25 14.45 9.20
CA TYR C 22 27.82 13.95 10.46
C TYR C 22 29.31 14.28 10.59
N GLY C 23 29.78 15.17 9.74
CA GLY C 23 31.17 15.58 9.73
C GLY C 23 31.57 16.27 8.45
N GLN C 24 32.63 17.04 8.52
CA GLN C 24 33.14 17.75 7.35
C GLN C 24 33.66 16.79 6.27
N VAL C 25 33.82 17.32 5.05
CA VAL C 25 34.38 16.59 3.91
C VAL C 25 35.72 17.27 3.59
N TYR C 26 36.81 16.49 3.50
CA TYR C 26 38.14 17.03 3.25
C TYR C 26 38.78 16.51 2.00
N LYS C 27 39.61 17.36 1.39
CA LYS C 27 40.49 17.00 0.29
C LYS C 27 41.77 16.58 1.03
N ALA C 28 42.43 15.53 0.58
CA ALA C 28 43.60 15.06 1.30
C ALA C 28 44.47 14.31 0.32
N LYS C 29 45.68 13.93 0.76
CA LYS C 29 46.60 13.19 -0.07
C LYS C 29 47.13 11.93 0.60
N ASP C 30 47.16 10.82 -0.15
CA ASP C 30 47.65 9.57 0.35
C ASP C 30 49.20 9.62 0.45
N LYS C 31 49.73 9.55 1.68
CA LYS C 31 51.18 9.60 1.92
C LYS C 31 51.95 8.46 1.26
N ASP C 32 51.33 7.30 1.10
CA ASP C 32 52.00 6.18 0.47
C ASP C 32 51.90 6.22 -1.06
N THR C 33 50.71 6.51 -1.62
CA THR C 33 50.52 6.48 -3.07
C THR C 33 50.59 7.83 -3.79
N GLY C 34 50.52 8.91 -3.03
CA GLY C 34 50.49 10.25 -3.59
C GLY C 34 49.15 10.62 -4.21
N GLU C 35 48.15 9.75 -4.07
CA GLU C 35 46.82 9.98 -4.60
C GLU C 35 46.06 11.04 -3.83
N LEU C 36 45.30 11.84 -4.56
CA LEU C 36 44.38 12.79 -3.95
C LEU C 36 43.05 12.05 -3.67
N VAL C 37 42.45 12.30 -2.51
CA VAL C 37 41.22 11.65 -2.10
C VAL C 37 40.30 12.63 -1.44
N ALA C 38 39.04 12.25 -1.30
CA ALA C 38 38.12 12.99 -0.47
C ALA C 38 37.84 12.14 0.79
N LEU C 39 37.82 12.78 1.97
CA LEU C 39 37.54 12.13 3.26
C LEU C 39 36.27 12.66 3.86
N LYS C 40 35.24 11.83 4.03
CA LYS C 40 34.02 12.24 4.73
C LYS C 40 34.12 11.81 6.20
N LYS C 41 34.27 12.79 7.07
CA LYS C 41 34.38 12.51 8.50
C LYS C 41 33.06 12.04 9.12
N VAL C 42 33.12 11.05 10.00
CA VAL C 42 31.96 10.61 10.76
C VAL C 42 32.32 10.80 12.21
N ARG C 43 31.74 11.81 12.84
CA ARG C 43 31.98 12.08 14.24
C ARG C 43 31.23 11.08 15.14
N LEU C 44 31.88 10.66 16.21
CA LEU C 44 31.42 9.83 17.33
C LEU C 44 31.71 10.78 18.51
N ASP C 45 32.36 11.96 18.17
CA ASP C 45 32.82 13.04 19.04
C ASP C 45 31.69 13.64 19.85
N ASN C 46 31.78 13.41 21.18
CA ASN C 46 30.77 13.76 22.19
C ASN C 46 29.45 13.05 21.85
N GLU C 47 29.54 11.70 21.65
CA GLU C 47 28.35 10.96 21.26
C GLU C 47 27.57 10.23 22.36
N LYS C 48 26.25 10.37 22.15
CA LYS C 48 25.09 9.86 22.89
C LYS C 48 24.78 8.42 22.47
N GLU C 49 24.45 8.19 21.17
CA GLU C 49 24.15 6.86 20.67
C GLU C 49 25.30 6.22 19.87
N GLY C 50 26.49 6.76 20.00
CA GLY C 50 27.66 6.26 19.31
C GLY C 50 27.65 6.47 17.81
N PHE C 51 28.01 5.42 17.07
CA PHE C 51 28.08 5.49 15.64
C PHE C 51 26.73 5.82 15.09
N PRO C 52 26.65 6.96 14.39
CA PRO C 52 25.36 7.45 13.92
C PRO C 52 24.61 6.56 12.94
N ILE C 53 23.34 6.31 13.26
CA ILE C 53 22.48 5.47 12.44
C ILE C 53 22.42 6.00 11.02
N THR C 54 22.55 7.31 10.87
CA THR C 54 22.57 7.97 9.57
C THR C 54 23.74 7.50 8.69
N ALA C 55 24.96 7.45 9.28
CA ALA C 55 26.17 6.99 8.60
C ALA C 55 26.08 5.51 8.33
N ILE C 56 25.46 4.76 9.24
CA ILE C 56 25.24 3.33 9.05
C ILE C 56 24.45 3.09 7.78
N ARG C 57 23.34 3.85 7.59
CA ARG C 57 22.53 3.73 6.39
C ARG C 57 23.41 4.05 5.17
N GLU C 58 24.17 5.17 5.19
CA GLU C 58 24.99 5.53 4.05
C GLU C 58 26.01 4.42 3.73
N ILE C 59 26.68 3.92 4.76
CA ILE C 59 27.70 2.90 4.57
C ILE C 59 27.14 1.64 3.98
N LYS C 60 25.96 1.19 4.47
CA LYS C 60 25.27 -0.01 3.96
C LYS C 60 25.01 0.15 2.48
N ILE C 61 24.56 1.36 2.04
CA ILE C 61 24.28 1.62 0.62
C ILE C 61 25.55 1.66 -0.20
N LEU C 62 26.49 2.51 0.20
CA LEU C 62 27.76 2.68 -0.52
C LEU C 62 28.45 1.36 -0.84
N ARG C 63 28.47 0.42 0.12
CA ARG C 63 29.09 -0.89 -0.05
C ARG C 63 28.41 -1.80 -1.06
N GLN C 64 27.16 -1.48 -1.41
CA GLN C 64 26.43 -2.31 -2.36
C GLN C 64 26.56 -1.75 -3.76
N LEU C 65 27.18 -0.56 -3.90
CA LEU C 65 27.24 0.11 -5.20
C LEU C 65 28.61 0.13 -5.84
N ILE C 66 28.77 -0.63 -6.93
CA ILE C 66 29.96 -0.69 -7.75
C ILE C 66 29.53 -0.39 -9.16
N HIS C 67 29.80 0.83 -9.60
CA HIS C 67 29.45 1.27 -10.94
C HIS C 67 30.33 2.42 -11.25
N ARG C 68 30.72 2.55 -12.51
CA ARG C 68 31.67 3.57 -12.86
C ARG C 68 31.16 4.99 -12.74
N SER C 69 29.85 5.19 -12.80
CA SER C 69 29.25 6.52 -12.71
C SER C 69 28.73 6.87 -11.31
N VAL C 70 29.08 6.06 -10.33
CA VAL C 70 28.64 6.20 -8.95
C VAL C 70 29.86 6.20 -8.09
N VAL C 71 29.85 7.03 -7.08
CA VAL C 71 30.93 7.18 -6.14
C VAL C 71 31.27 5.81 -5.50
N ASN C 72 32.55 5.52 -5.48
CA ASN C 72 33.03 4.23 -5.01
C ASN C 72 33.95 4.45 -3.81
N MET C 73 33.40 4.09 -2.64
CA MET C 73 34.09 4.24 -1.38
C MET C 73 35.20 3.22 -1.32
N LYS C 74 36.43 3.70 -1.27
CA LYS C 74 37.62 2.87 -1.26
C LYS C 74 37.83 2.12 0.02
N GLU C 75 37.75 2.81 1.15
CA GLU C 75 38.00 2.22 2.45
C GLU C 75 37.44 3.12 3.52
N ILE C 76 37.46 2.66 4.75
CA ILE C 76 37.07 3.44 5.92
C ILE C 76 38.29 3.46 6.83
N VAL C 77 38.67 4.64 7.28
CA VAL C 77 39.87 4.80 8.09
C VAL C 77 39.53 5.39 9.43
N THR C 78 40.43 5.24 10.38
CA THR C 78 40.17 5.65 11.73
C THR C 78 41.16 6.65 12.26
N ASP C 79 40.70 7.41 13.24
CA ASP C 79 41.51 8.33 13.99
C ASP C 79 42.49 7.54 14.81
N LYS C 80 43.59 8.17 15.20
CA LYS C 80 44.67 7.56 15.98
C LYS C 80 44.16 7.02 17.32
N GLY C 91 36.25 10.23 19.15
CA GLY C 91 36.89 9.65 17.97
C GLY C 91 36.15 9.88 16.67
N ALA C 92 36.70 9.35 15.56
CA ALA C 92 36.06 9.53 14.25
C ALA C 92 36.48 8.50 13.25
N PHE C 93 35.60 8.21 12.31
CA PHE C 93 35.93 7.39 11.17
C PHE C 93 35.89 8.30 9.94
N TYR C 94 36.50 7.86 8.84
CA TYR C 94 36.55 8.64 7.60
C TYR C 94 36.27 7.72 6.43
N LEU C 95 35.27 8.07 5.63
CA LEU C 95 34.95 7.33 4.42
C LEU C 95 35.88 7.90 3.34
N VAL C 96 36.52 7.05 2.55
CA VAL C 96 37.51 7.49 1.58
C VAL C 96 37.05 7.27 0.17
N PHE C 97 37.12 8.34 -0.65
CA PHE C 97 36.73 8.30 -2.06
C PHE C 97 37.83 8.90 -2.93
N GLU C 98 37.87 8.51 -4.19
CA GLU C 98 38.81 9.07 -5.16
C GLU C 98 38.48 10.56 -5.25
N TYR C 99 39.49 11.40 -5.29
CA TYR C 99 39.20 12.81 -5.39
C TYR C 99 38.84 13.22 -6.83
N MET C 100 37.74 13.93 -6.99
CA MET C 100 37.24 14.36 -8.30
C MET C 100 37.53 15.83 -8.46
N ASP C 101 38.08 16.22 -9.62
CA ASP C 101 38.53 17.58 -9.86
C ASP C 101 37.48 18.66 -9.65
N HIS C 102 36.23 18.38 -10.06
CA HIS C 102 35.17 19.37 -9.99
C HIS C 102 33.85 18.79 -9.59
N ASP C 103 32.91 19.68 -9.35
CA ASP C 103 31.53 19.34 -9.21
C ASP C 103 30.76 20.30 -10.13
N LEU C 104 29.62 19.83 -10.64
CA LEU C 104 28.79 20.58 -11.59
C LEU C 104 28.39 21.95 -11.13
N MET C 105 28.10 22.13 -9.85
CA MET C 105 27.76 23.45 -9.43
C MET C 105 28.90 24.44 -9.61
N GLY C 106 30.10 24.07 -9.17
CA GLY C 106 31.25 24.95 -9.23
C GLY C 106 31.58 25.41 -10.62
N LEU C 107 31.55 24.48 -11.54
CA LEU C 107 31.83 24.73 -12.94
C LEU C 107 30.85 25.71 -13.56
N LEU C 108 29.57 25.37 -13.41
CA LEU C 108 28.48 26.18 -13.92
C LEU C 108 28.54 27.56 -13.34
N GLU C 109 28.96 27.69 -12.08
CA GLU C 109 29.07 28.97 -11.44
C GLU C 109 30.35 29.71 -11.77
N SER C 110 31.39 29.01 -12.20
CA SER C 110 32.66 29.66 -12.53
C SER C 110 32.48 30.60 -13.71
N GLY C 111 31.53 30.26 -14.60
CA GLY C 111 31.29 31.01 -15.82
C GLY C 111 32.52 30.94 -16.70
N LEU C 112 33.35 29.91 -16.48
CA LEU C 112 34.60 29.66 -17.20
C LEU C 112 34.42 28.56 -18.22
N VAL C 113 33.28 27.89 -18.18
CA VAL C 113 33.04 26.72 -18.97
C VAL C 113 31.82 26.85 -19.80
N HIS C 114 31.86 26.28 -20.99
CA HIS C 114 30.69 26.17 -21.81
C HIS C 114 30.52 24.74 -22.26
N PHE C 115 29.31 24.22 -22.08
CA PHE C 115 29.04 22.85 -22.45
C PHE C 115 28.38 22.73 -23.78
N SER C 116 29.03 22.01 -24.69
CA SER C 116 28.50 21.75 -26.02
C SER C 116 27.41 20.70 -25.89
N GLU C 117 26.62 20.52 -26.95
CA GLU C 117 25.59 19.48 -26.95
C GLU C 117 26.27 18.14 -26.75
N ASP C 118 27.46 17.97 -27.31
CA ASP C 118 28.21 16.74 -27.17
C ASP C 118 28.65 16.50 -25.72
N HIS C 119 29.03 17.57 -25.00
CA HIS C 119 29.42 17.47 -23.59
C HIS C 119 28.20 17.01 -22.78
N ILE C 120 27.06 17.68 -22.97
CA ILE C 120 25.81 17.40 -22.28
C ILE C 120 25.39 15.96 -22.46
N LYS C 121 25.40 15.46 -23.70
CA LYS C 121 25.03 14.08 -24.00
C LYS C 121 25.89 13.12 -23.20
N SER C 122 27.20 13.38 -23.15
CA SER C 122 28.16 12.59 -22.42
C SER C 122 27.90 12.61 -20.93
N PHE C 123 27.68 13.81 -20.37
CA PHE C 123 27.37 13.93 -18.95
C PHE C 123 26.06 13.23 -18.62
N MET C 124 25.02 13.47 -19.42
CA MET C 124 23.74 12.86 -19.15
C MET C 124 23.78 11.36 -19.30
N LYS C 125 24.45 10.87 -20.34
CA LYS C 125 24.54 9.42 -20.51
C LYS C 125 25.11 8.77 -19.26
N GLN C 126 26.16 9.39 -18.70
CA GLN C 126 26.84 8.88 -17.53
C GLN C 126 26.01 9.00 -16.26
N LEU C 127 25.31 10.13 -16.07
CA LEU C 127 24.46 10.34 -14.92
C LEU C 127 23.31 9.34 -14.89
N MET C 128 22.61 9.19 -15.99
CA MET C 128 21.48 8.26 -16.09
C MET C 128 21.88 6.81 -15.94
N GLU C 129 23.08 6.42 -16.42
CA GLU C 129 23.58 5.06 -16.29
C GLU C 129 23.87 4.76 -14.84
N GLY C 130 24.44 5.75 -14.13
CA GLY C 130 24.63 5.66 -12.70
C GLY C 130 23.30 5.62 -11.96
N LEU C 131 22.35 6.50 -12.33
CA LEU C 131 21.05 6.51 -11.68
C LEU C 131 20.30 5.21 -11.88
N GLU C 132 20.24 4.73 -13.13
CA GLU C 132 19.61 3.48 -13.49
C GLU C 132 20.14 2.35 -12.66
N TYR C 133 21.45 2.32 -12.47
CA TYR C 133 22.09 1.27 -11.71
C TYR C 133 21.53 1.25 -10.27
N CYS C 134 21.42 2.43 -9.63
CA CYS C 134 20.93 2.57 -8.26
C CYS C 134 19.50 2.13 -8.17
N HIS C 135 18.69 2.68 -9.07
CA HIS C 135 17.28 2.35 -9.10
C HIS C 135 17.05 0.86 -9.29
N LYS C 136 17.85 0.20 -10.14
CA LYS C 136 17.73 -1.25 -10.35
C LYS C 136 18.16 -2.03 -9.10
N LYS C 137 18.95 -1.38 -8.24
CA LYS C 137 19.37 -1.98 -6.97
C LYS C 137 18.37 -1.64 -5.87
N ASN C 138 17.28 -0.91 -6.22
CA ASN C 138 16.21 -0.51 -5.31
C ASN C 138 16.64 0.58 -4.36
N PHE C 139 17.48 1.50 -4.85
CA PHE C 139 17.86 2.66 -4.06
C PHE C 139 17.35 3.91 -4.64
N LEU C 140 16.77 4.75 -3.76
CA LEU C 140 16.33 6.11 -4.08
C LEU C 140 17.48 6.99 -3.59
N HIS C 141 17.98 7.91 -4.42
CA HIS C 141 19.07 8.80 -4.04
C HIS C 141 18.59 9.88 -3.09
N ARG C 142 17.56 10.62 -3.48
CA ARG C 142 16.86 11.64 -2.67
C ARG C 142 17.67 12.89 -2.38
N ASP C 143 18.77 13.10 -3.09
CA ASP C 143 19.50 14.34 -2.94
C ASP C 143 20.27 14.72 -4.19
N ILE C 144 19.67 14.51 -5.36
CA ILE C 144 20.35 14.87 -6.60
C ILE C 144 20.33 16.39 -6.76
N LYS C 145 21.52 16.96 -7.02
CA LYS C 145 21.73 18.40 -7.26
C LYS C 145 23.11 18.59 -7.86
N CYS C 146 23.42 19.77 -8.38
CA CYS C 146 24.68 20.01 -9.07
C CYS C 146 25.89 19.73 -8.25
N SER C 147 25.91 20.23 -7.00
CA SER C 147 27.00 20.04 -6.05
C SER C 147 27.29 18.54 -5.73
N ASN C 148 26.34 17.62 -6.03
CA ASN C 148 26.46 16.18 -5.78
C ASN C 148 26.80 15.41 -7.01
N ILE C 149 27.02 16.13 -8.11
CA ILE C 149 27.47 15.50 -9.34
C ILE C 149 28.91 15.95 -9.57
N LEU C 150 29.82 14.97 -9.55
CA LEU C 150 31.25 15.21 -9.66
C LEU C 150 31.72 14.90 -11.07
N LEU C 151 32.75 15.62 -11.51
CA LEU C 151 33.28 15.49 -12.84
C LEU C 151 34.79 15.69 -12.72
N ASN C 152 35.57 14.82 -13.34
CA ASN C 152 37.00 15.00 -13.29
C ASN C 152 37.48 15.57 -14.65
N ASN C 153 38.77 15.92 -14.76
CA ASN C 153 39.31 16.52 -15.99
C ASN C 153 39.30 15.52 -17.18
N SER C 154 39.23 14.20 -16.94
CA SER C 154 39.09 13.19 -17.98
C SER C 154 37.66 13.18 -18.55
N GLY C 155 36.79 14.01 -17.96
CA GLY C 155 35.40 14.13 -18.41
C GLY C 155 34.52 13.00 -17.91
N GLN C 156 34.97 12.31 -16.87
CA GLN C 156 34.24 11.24 -16.21
C GLN C 156 33.30 11.81 -15.11
N ILE C 157 32.03 11.36 -15.11
CA ILE C 157 31.00 11.79 -14.16
C ILE C 157 30.81 10.78 -13.04
N LYS C 158 30.57 11.26 -11.82
CA LYS C 158 30.18 10.39 -10.72
C LYS C 158 29.05 10.96 -9.90
N LEU C 159 28.01 10.16 -9.71
CA LEU C 159 26.90 10.53 -8.83
C LEU C 159 27.39 10.33 -7.38
N ALA C 160 27.29 11.38 -6.58
CA ALA C 160 27.81 11.37 -5.22
C ALA C 160 26.75 11.62 -4.12
N ASP C 161 27.17 11.63 -2.85
CA ASP C 161 26.38 11.94 -1.66
C ASP C 161 25.14 11.04 -1.46
N PHE C 162 25.38 9.85 -0.92
CA PHE C 162 24.29 8.91 -0.64
C PHE C 162 23.84 9.01 0.81
N GLY C 163 24.04 10.19 1.41
CA GLY C 163 23.65 10.51 2.77
C GLY C 163 22.16 10.38 3.07
N LEU C 164 21.34 10.64 2.04
CA LEU C 164 19.90 10.57 2.18
C LEU C 164 19.30 9.42 1.44
N ALA C 165 20.13 8.60 0.79
CA ALA C 165 19.62 7.48 0.03
C ALA C 165 18.95 6.48 0.94
N ARG C 166 18.00 5.75 0.39
CA ARG C 166 17.33 4.69 1.13
C ARG C 166 16.86 3.61 0.17
N LEU C 167 16.65 2.43 0.73
CA LEU C 167 16.11 1.31 0.02
C LEU C 167 14.61 1.57 -0.19
N TYR C 168 14.13 1.14 -1.33
CA TYR C 168 12.75 1.32 -1.75
C TYR C 168 12.09 -0.01 -2.04
N ASN C 169 10.85 -0.18 -1.57
CA ASN C 169 10.12 -1.40 -1.84
C ASN C 169 9.44 -1.34 -3.21
N SER C 170 10.01 -2.05 -4.18
CA SER C 170 9.50 -2.14 -5.53
C SER C 170 8.31 -3.08 -5.59
N GLU C 171 8.26 -4.12 -4.73
CA GLU C 171 7.16 -5.09 -4.71
C GLU C 171 5.81 -4.45 -4.32
N GLU C 172 5.79 -3.68 -3.22
CA GLU C 172 4.60 -3.00 -2.67
C GLU C 172 4.97 -1.63 -2.08
N SER C 173 4.04 -0.67 -2.14
CA SER C 173 4.29 0.67 -1.64
C SER C 173 4.50 0.77 -0.13
N ARG C 174 5.41 1.67 0.29
CA ARG C 174 5.73 1.95 1.67
C ARG C 174 5.84 3.46 1.90
N PRO C 175 5.63 3.96 3.14
CA PRO C 175 5.76 5.41 3.38
C PRO C 175 7.20 5.83 3.64
N TYR C 176 7.53 6.95 3.06
CA TYR C 176 8.89 7.47 3.08
C TYR C 176 8.96 8.93 3.52
N ASN C 178 8.95 12.72 3.47
CA ASN C 178 8.54 13.69 2.44
C ASN C 178 9.55 14.82 2.12
N LYS C 179 10.20 15.38 3.14
CA LYS C 179 11.10 16.53 2.89
C LYS C 179 12.50 16.05 2.54
N VAL C 180 12.68 15.65 1.31
CA VAL C 180 13.92 15.14 0.77
C VAL C 180 14.10 15.92 -0.50
N ILE C 181 15.34 16.07 -0.96
CA ILE C 181 15.71 16.83 -2.16
C ILE C 181 15.70 18.32 -1.90
N THR C 182 16.79 19.03 -2.28
CA THR C 182 16.85 20.48 -2.12
C THR C 182 15.73 21.06 -2.95
N LEU C 183 15.17 22.12 -2.47
CA LEU C 183 13.97 22.67 -3.02
C LEU C 183 13.94 22.82 -4.50
N TRP C 184 14.99 23.37 -5.06
CA TRP C 184 15.06 23.68 -6.48
C TRP C 184 14.98 22.47 -7.37
N TYR C 185 15.38 21.32 -6.84
CA TYR C 185 15.34 20.08 -7.60
C TYR C 185 14.22 19.15 -7.16
N ARG C 186 13.39 19.58 -6.20
CA ARG C 186 12.33 18.76 -5.65
C ARG C 186 11.08 18.65 -6.56
N PRO C 187 10.66 17.38 -6.85
CA PRO C 187 9.51 17.14 -7.72
C PRO C 187 8.15 17.56 -7.13
N PRO C 188 7.14 17.75 -8.02
CA PRO C 188 5.79 18.18 -7.61
C PRO C 188 5.13 17.31 -6.57
N GLU C 189 5.24 15.97 -6.72
CA GLU C 189 4.57 15.04 -5.79
C GLU C 189 5.01 15.22 -4.35
N LEU C 190 6.29 15.59 -4.14
CA LEU C 190 6.80 15.83 -2.80
C LEU C 190 6.29 17.15 -2.26
N LEU C 191 6.34 18.21 -3.11
CA LEU C 191 5.84 19.54 -2.74
C LEU C 191 4.38 19.40 -2.29
N LEU C 192 3.60 18.53 -2.97
CA LEU C 192 2.20 18.24 -2.67
C LEU C 192 2.01 17.23 -1.54
N GLY C 193 3.10 16.76 -0.94
CA GLY C 193 3.03 15.92 0.25
C GLY C 193 3.01 14.42 0.13
N GLU C 194 3.34 13.87 -1.04
CA GLU C 194 3.41 12.43 -1.20
C GLU C 194 4.43 11.81 -0.23
N GLU C 195 4.03 10.70 0.40
CA GLU C 195 4.92 9.89 1.21
C GLU C 195 5.14 8.50 0.61
N ARG C 196 4.40 8.12 -0.42
CA ARG C 196 4.60 6.80 -1.00
C ARG C 196 5.04 7.04 -2.42
N TYR C 197 6.20 7.68 -2.54
CA TYR C 197 6.77 8.08 -3.80
C TYR C 197 7.67 7.01 -4.38
N THR C 198 8.23 7.29 -5.55
CA THR C 198 8.99 6.31 -6.30
C THR C 198 10.32 6.87 -6.78
N PRO C 199 11.13 6.02 -7.43
CA PRO C 199 12.38 6.48 -8.04
C PRO C 199 12.17 7.64 -9.03
N ALA C 200 10.89 7.90 -9.42
CA ALA C 200 10.60 9.01 -10.30
C ALA C 200 11.08 10.33 -9.70
N ILE C 201 11.16 10.44 -8.36
CA ILE C 201 11.59 11.70 -7.73
C ILE C 201 13.02 12.09 -8.21
N ASP C 202 13.91 11.08 -8.38
CA ASP C 202 15.27 11.33 -8.81
C ASP C 202 15.36 11.75 -10.27
N VAL C 203 14.52 11.16 -11.12
CA VAL C 203 14.51 11.50 -12.54
C VAL C 203 14.11 12.96 -12.70
N TRP C 204 13.14 13.45 -11.88
CA TRP C 204 12.77 14.86 -11.90
C TRP C 204 14.00 15.73 -11.61
N SER C 205 14.77 15.37 -10.58
CA SER C 205 16.00 16.07 -10.19
C SER C 205 16.95 16.14 -11.39
N CYS C 206 17.13 15.03 -12.10
CA CYS C 206 17.97 14.96 -13.28
C CYS C 206 17.47 15.82 -14.43
N GLY C 207 16.16 15.90 -14.63
CA GLY C 207 15.57 16.76 -15.66
C GLY C 207 15.92 18.21 -15.39
N CYS C 208 15.94 18.60 -14.11
CA CYS C 208 16.36 19.93 -13.67
C CYS C 208 17.85 20.16 -14.02
N ILE C 209 18.72 19.15 -13.84
CA ILE C 209 20.14 19.27 -14.21
C ILE C 209 20.21 19.44 -15.70
N LEU C 210 19.50 18.60 -16.44
CA LEU C 210 19.48 18.65 -17.90
C LEU C 210 19.13 20.03 -18.40
N GLY C 211 18.00 20.56 -17.96
CA GLY C 211 17.61 21.91 -18.30
C GLY C 211 18.68 22.92 -17.91
N GLU C 212 19.28 22.76 -16.72
CA GLU C 212 20.31 23.66 -16.19
C GLU C 212 21.64 23.65 -16.94
N LEU C 213 22.00 22.53 -17.55
CA LEU C 213 23.20 22.42 -18.38
C LEU C 213 23.07 23.35 -19.58
N PHE C 214 21.85 23.47 -20.15
CA PHE C 214 21.56 24.34 -21.28
C PHE C 214 21.44 25.82 -20.95
N THR C 215 20.87 26.18 -19.80
CA THR C 215 20.70 27.59 -19.47
C THR C 215 21.70 28.10 -18.49
N LYS C 216 22.53 27.20 -17.96
CA LYS C 216 23.62 27.45 -17.01
C LYS C 216 23.13 27.99 -15.65
N LYS C 217 21.81 28.01 -15.45
CA LYS C 217 21.16 28.49 -14.25
C LYS C 217 20.09 27.50 -13.82
N PRO C 218 19.83 27.39 -12.50
CA PRO C 218 18.78 26.47 -12.04
C PRO C 218 17.44 26.94 -12.59
N ILE C 219 16.69 26.01 -13.20
CA ILE C 219 15.43 26.34 -13.85
C ILE C 219 14.25 26.71 -12.90
N PHE C 220 14.26 26.23 -11.66
CA PHE C 220 13.24 26.62 -10.68
C PHE C 220 13.88 27.20 -9.43
N GLN C 221 13.82 28.52 -9.26
CA GLN C 221 14.47 29.10 -8.10
C GLN C 221 13.54 29.80 -7.13
N ALA C 222 12.98 29.08 -6.18
CA ALA C 222 12.14 29.70 -5.15
C ALA C 222 12.70 29.42 -3.76
N ASN C 223 12.24 30.21 -2.80
CA ASN C 223 12.65 30.18 -1.40
C ASN C 223 11.75 29.29 -0.56
N LEU C 224 10.49 29.11 -1.00
CA LEU C 224 9.48 28.36 -0.29
C LEU C 224 8.72 27.44 -1.20
N GLU C 225 8.08 26.43 -0.61
CA GLU C 225 7.37 25.36 -1.32
C GLU C 225 6.25 25.80 -2.23
N LEU C 226 5.37 26.71 -1.75
CA LEU C 226 4.27 27.22 -2.55
C LEU C 226 4.82 27.96 -3.76
N ALA C 227 5.80 28.84 -3.51
CA ALA C 227 6.42 29.61 -4.58
C ALA C 227 7.09 28.68 -5.58
N GLN C 228 7.64 27.57 -5.10
CA GLN C 228 8.31 26.58 -5.96
C GLN C 228 7.30 25.83 -6.83
N LEU C 229 6.16 25.46 -6.25
CA LEU C 229 5.10 24.79 -6.99
C LEU C 229 4.61 25.72 -8.08
N GLU C 230 4.45 27.00 -7.73
CA GLU C 230 4.01 28.04 -8.65
C GLU C 230 4.95 28.09 -9.86
N LEU C 231 6.28 28.22 -9.62
CA LEU C 231 7.29 28.27 -10.69
C LEU C 231 7.26 27.04 -11.56
N ILE C 232 7.04 25.87 -10.94
CA ILE C 232 6.94 24.62 -11.68
C ILE C 232 5.72 24.67 -12.57
N SER C 233 4.57 25.06 -12.00
CA SER C 233 3.34 25.20 -12.77
C SER C 233 3.50 26.14 -13.96
N ARG C 234 4.12 27.33 -13.74
CA ARG C 234 4.34 28.31 -14.82
C ARG C 234 4.97 27.69 -16.07
N LEU C 235 5.89 26.73 -15.90
CA LEU C 235 6.57 26.13 -17.03
C LEU C 235 5.97 24.81 -17.50
N CYS C 236 5.68 23.91 -16.56
CA CYS C 236 5.23 22.56 -16.86
C CYS C 236 3.70 22.44 -16.95
N GLY C 237 3.00 23.48 -16.54
CA GLY C 237 1.55 23.48 -16.45
C GLY C 237 1.15 23.20 -15.03
N SER C 238 -0.07 23.62 -14.65
CA SER C 238 -0.61 23.37 -13.33
C SER C 238 -0.90 21.89 -13.17
N PRO C 239 -0.67 21.35 -11.96
CA PRO C 239 -1.04 19.96 -11.69
C PRO C 239 -2.57 19.90 -11.60
N CYS C 240 -3.15 18.87 -12.21
CA CYS C 240 -4.59 18.70 -12.25
C CYS C 240 -4.87 17.30 -12.77
N PRO C 241 -6.09 16.77 -12.50
CA PRO C 241 -6.40 15.39 -12.88
C PRO C 241 -6.27 15.07 -14.35
N ALA C 242 -6.46 16.10 -15.21
CA ALA C 242 -6.42 15.93 -16.66
C ALA C 242 -5.09 15.34 -17.08
N VAL C 243 -4.01 15.78 -16.46
CA VAL C 243 -2.65 15.26 -16.70
C VAL C 243 -2.16 14.30 -15.61
N TRP C 244 -2.74 14.41 -14.42
CA TRP C 244 -2.29 13.71 -13.23
C TRP C 244 -3.47 13.37 -12.36
N PRO C 245 -4.13 12.27 -12.69
CA PRO C 245 -5.36 11.88 -11.99
C PRO C 245 -5.28 11.69 -10.48
N ASP C 246 -4.25 11.04 -10.02
CA ASP C 246 -3.97 10.69 -8.64
C ASP C 246 -3.54 11.90 -7.83
N VAL C 247 -3.40 13.05 -8.51
CA VAL C 247 -2.97 14.28 -7.89
C VAL C 247 -3.97 14.69 -6.82
N ILE C 248 -5.26 14.40 -7.02
CA ILE C 248 -6.33 14.72 -6.07
C ILE C 248 -6.22 13.97 -4.75
N LYS C 249 -5.55 12.82 -4.75
CA LYS C 249 -5.23 11.99 -3.58
C LYS C 249 -4.11 12.61 -2.68
N LEU C 250 -3.37 13.62 -3.19
CA LEU C 250 -2.26 14.22 -2.43
C LEU C 250 -2.72 15.25 -1.36
N PRO C 251 -2.10 15.15 -0.16
CA PRO C 251 -2.43 16.02 0.98
C PRO C 251 -2.61 17.52 0.76
N TYR C 252 -1.70 18.15 0.02
CA TYR C 252 -1.69 19.60 -0.13
C TYR C 252 -2.24 20.07 -1.44
N PHE C 253 -2.88 19.18 -2.18
CA PHE C 253 -3.38 19.53 -3.49
C PHE C 253 -4.30 20.77 -3.48
N ASN C 254 -5.28 20.79 -2.57
CA ASN C 254 -6.20 21.92 -2.44
C ASN C 254 -5.59 23.11 -1.74
N THR C 255 -4.76 22.86 -0.72
CA THR C 255 -4.06 23.87 0.03
C THR C 255 -3.08 24.65 -0.86
N MET C 256 -2.21 23.93 -1.56
CA MET C 256 -1.18 24.52 -2.42
C MET C 256 -1.68 24.53 -3.83
N LYS C 257 -2.21 25.65 -4.25
CA LYS C 257 -2.73 25.74 -5.59
C LYS C 257 -2.04 26.89 -6.26
N PRO C 258 -1.55 26.67 -7.50
CA PRO C 258 -0.85 27.73 -8.24
C PRO C 258 -1.80 28.90 -8.44
N LYS C 259 -1.27 30.04 -8.85
CA LYS C 259 -2.10 31.24 -8.97
C LYS C 259 -3.25 31.12 -9.99
N LYS C 260 -2.94 30.51 -11.13
CA LYS C 260 -3.86 30.37 -12.25
C LYS C 260 -3.80 28.91 -12.68
N GLN C 261 -4.44 28.55 -13.78
CA GLN C 261 -4.28 27.20 -14.30
C GLN C 261 -3.44 27.31 -15.55
N TYR C 262 -2.13 27.06 -15.39
CA TYR C 262 -1.18 27.23 -16.47
C TYR C 262 -1.18 26.13 -17.48
N ARG C 263 -0.88 26.52 -18.73
CA ARG C 263 -0.66 25.60 -19.81
C ARG C 263 0.84 25.33 -19.81
N ARG C 264 1.24 24.18 -20.36
CA ARG C 264 2.62 23.78 -20.45
C ARG C 264 3.26 24.52 -21.60
N ARG C 265 4.30 25.28 -21.29
CA ARG C 265 5.05 26.05 -22.27
C ARG C 265 6.51 25.69 -22.18
N LEU C 266 6.80 24.44 -21.80
CA LEU C 266 8.17 23.98 -21.64
C LEU C 266 8.92 24.04 -22.98
N ARG C 267 8.24 23.61 -24.06
CA ARG C 267 8.83 23.56 -25.39
C ARG C 267 9.06 24.93 -25.99
N GLU C 268 8.22 25.91 -25.62
CA GLU C 268 8.40 27.28 -26.08
C GLU C 268 9.56 27.95 -25.36
N GLU C 269 9.65 27.74 -24.03
CA GLU C 269 10.69 28.32 -23.18
C GLU C 269 12.10 27.80 -23.50
N PHE C 270 12.18 26.53 -23.88
CA PHE C 270 13.43 25.89 -24.22
C PHE C 270 13.51 25.52 -25.68
N SER C 271 12.97 26.37 -26.58
CA SER C 271 13.03 26.09 -28.03
C SER C 271 14.47 26.13 -28.55
N PHE C 272 15.35 26.93 -27.91
CA PHE C 272 16.77 27.06 -28.26
C PHE C 272 17.54 25.75 -28.09
N ILE C 273 17.00 24.83 -27.30
CA ILE C 273 17.58 23.52 -27.09
C ILE C 273 17.37 22.63 -28.32
N PRO C 274 18.35 21.77 -28.68
CA PRO C 274 18.13 20.80 -29.76
C PRO C 274 16.90 19.93 -29.50
N SER C 275 16.15 19.65 -30.56
CA SER C 275 14.89 18.90 -30.52
C SER C 275 14.94 17.60 -29.73
N ALA C 276 15.97 16.76 -29.93
CA ALA C 276 16.06 15.48 -29.22
C ALA C 276 16.31 15.66 -27.72
N ALA C 277 17.09 16.70 -27.36
CA ALA C 277 17.34 17.01 -25.96
C ALA C 277 16.02 17.45 -25.35
N LEU C 278 15.26 18.22 -26.12
CA LEU C 278 14.00 18.81 -25.69
C LEU C 278 12.92 17.76 -25.44
N ASP C 279 12.88 16.71 -26.25
CA ASP C 279 11.99 15.57 -26.06
C ASP C 279 12.27 14.95 -24.69
N LEU C 280 13.55 14.62 -24.46
CA LEU C 280 14.00 14.05 -23.21
C LEU C 280 13.65 14.96 -22.04
N LEU C 281 13.94 16.26 -22.15
CA LEU C 281 13.61 17.20 -21.08
C LEU C 281 12.13 17.18 -20.76
N ASP C 282 11.31 17.14 -21.82
CA ASP C 282 9.86 17.14 -21.70
C ASP C 282 9.41 15.92 -20.89
N HIS C 283 9.88 14.76 -21.28
CA HIS C 283 9.56 13.52 -20.62
C HIS C 283 10.03 13.44 -19.15
N MET C 284 11.21 13.98 -18.86
CA MET C 284 11.78 14.01 -17.52
C MET C 284 11.03 14.98 -16.61
N LEU C 285 10.53 16.07 -17.16
CA LEU C 285 9.81 17.06 -16.38
C LEU C 285 8.31 16.94 -16.53
N THR C 286 7.84 15.70 -16.68
CA THR C 286 6.43 15.35 -16.74
C THR C 286 5.92 15.33 -15.30
N LEU C 287 4.85 16.08 -15.01
CA LEU C 287 4.27 16.23 -13.68
C LEU C 287 3.89 14.93 -12.98
N ASP C 288 3.18 14.04 -13.68
CA ASP C 288 2.66 12.79 -13.12
C ASP C 288 3.79 11.77 -13.01
N PRO C 289 4.21 11.43 -11.76
CA PRO C 289 5.38 10.55 -11.63
C PRO C 289 5.19 9.21 -12.34
N SER C 290 3.93 8.77 -12.51
CA SER C 290 3.67 7.51 -13.20
C SER C 290 3.85 7.64 -14.71
N LYS C 291 3.82 8.87 -15.25
CA LYS C 291 4.04 9.11 -16.68
C LYS C 291 5.50 9.58 -16.97
N ARG C 292 6.23 9.95 -15.90
CA ARG C 292 7.61 10.45 -16.02
C ARG C 292 8.48 9.30 -16.47
N CYS C 293 9.45 9.57 -17.36
CA CYS C 293 10.28 8.45 -17.83
C CYS C 293 11.13 7.90 -16.74
N THR C 294 11.45 6.61 -16.85
CA THR C 294 12.35 5.97 -15.90
C THR C 294 13.78 6.26 -16.32
N ALA C 295 14.74 5.88 -15.47
CA ALA C 295 16.14 6.10 -15.83
C ALA C 295 16.48 5.21 -17.04
N GLU C 296 15.89 4.01 -17.12
CA GLU C 296 16.13 3.11 -18.23
C GLU C 296 15.60 3.73 -19.51
N GLN C 297 14.45 4.41 -19.43
CA GLN C 297 13.88 5.04 -20.60
C GLN C 297 14.71 6.19 -21.14
N THR C 298 15.33 6.99 -20.26
CA THR C 298 16.18 8.11 -20.71
C THR C 298 17.32 7.62 -21.62
N LEU C 299 17.90 6.47 -21.27
CA LEU C 299 18.99 5.87 -22.00
C LEU C 299 18.59 5.37 -23.38
N GLN C 300 17.28 5.17 -23.59
CA GLN C 300 16.75 4.69 -24.85
C GLN C 300 16.27 5.85 -25.72
N SER C 301 16.33 7.08 -25.17
CA SER C 301 15.92 8.27 -25.92
C SER C 301 16.84 8.55 -27.11
N ASP C 302 16.37 9.34 -28.07
CA ASP C 302 17.16 9.73 -29.24
C ASP C 302 18.46 10.36 -28.81
N PHE C 303 18.37 11.33 -27.88
CA PHE C 303 19.50 12.08 -27.33
C PHE C 303 20.63 11.22 -26.79
N LEU C 304 20.32 10.09 -26.15
CA LEU C 304 21.36 9.28 -25.50
C LEU C 304 21.64 7.91 -26.10
N LYS C 305 20.65 7.31 -26.77
CA LYS C 305 20.75 5.91 -27.22
C LYS C 305 21.98 5.63 -28.06
N ASP C 306 22.45 6.60 -28.86
CA ASP C 306 23.62 6.44 -29.74
C ASP C 306 24.90 7.08 -29.27
N VAL C 307 24.88 7.64 -28.07
CA VAL C 307 26.08 8.26 -27.53
C VAL C 307 27.11 7.18 -27.22
N GLU C 308 28.25 7.21 -27.92
CA GLU C 308 29.34 6.29 -27.67
C GLU C 308 30.35 7.02 -26.81
N LEU C 309 30.42 6.68 -25.51
CA LEU C 309 31.22 7.38 -24.51
C LEU C 309 32.72 7.31 -24.75
N SER C 310 33.21 6.17 -25.29
CA SER C 310 34.63 5.98 -25.62
C SER C 310 35.07 6.92 -26.74
N LYS C 311 34.15 7.22 -27.67
CA LYS C 311 34.42 8.07 -28.82
C LYS C 311 34.23 9.56 -28.51
N MET C 312 34.12 9.90 -27.23
CA MET C 312 33.88 11.26 -26.78
C MET C 312 35.11 11.98 -26.30
N ALA C 313 35.32 13.19 -26.84
CA ALA C 313 36.44 14.03 -26.46
C ALA C 313 36.20 14.57 -25.08
N PRO C 314 37.24 14.71 -24.26
CA PRO C 314 37.04 15.30 -22.93
C PRO C 314 36.68 16.76 -23.17
N PRO C 315 35.98 17.37 -22.21
CA PRO C 315 35.61 18.77 -22.36
C PRO C 315 36.78 19.65 -21.97
N ASP C 316 36.60 20.98 -22.09
CA ASP C 316 37.64 21.93 -21.76
C ASP C 316 37.46 22.54 -20.38
N LEU C 317 37.77 21.76 -19.36
CA LEU C 317 37.61 22.19 -17.99
C LEU C 317 38.84 22.89 -17.51
N PRO C 318 38.67 23.81 -16.55
CA PRO C 318 39.84 24.50 -15.99
C PRO C 318 40.63 23.74 -14.95
N HIS C 319 41.62 24.48 -14.37
CA HIS C 319 42.55 23.99 -13.37
C HIS C 319 42.61 24.89 -12.14
N TRP C 320 42.02 26.12 -12.23
CA TRP C 320 41.78 27.21 -11.27
C TRP C 320 42.73 27.26 -10.04
N LYS D 21 34.61 -7.88 -1.56
CA LYS D 21 33.79 -8.16 -0.37
C LYS D 21 34.34 -9.37 0.41
N PRO D 22 34.37 -9.31 1.77
CA PRO D 22 35.04 -10.38 2.54
C PRO D 22 34.41 -11.75 2.48
N CYS D 23 35.21 -12.77 2.74
CA CYS D 23 34.67 -14.12 2.82
C CYS D 23 34.35 -14.37 4.28
N TRP D 24 33.12 -14.80 4.57
CA TRP D 24 32.72 -14.98 5.95
C TRP D 24 32.48 -16.42 6.33
N TYR D 25 33.16 -17.33 5.62
CA TYR D 25 33.03 -18.76 5.87
C TYR D 25 34.37 -19.39 6.13
N TRP D 26 34.35 -20.30 7.08
CA TRP D 26 35.50 -20.98 7.56
C TRP D 26 35.27 -22.47 7.49
N ASP D 27 36.38 -23.16 7.49
CA ASP D 27 36.60 -24.59 7.51
C ASP D 27 36.32 -25.11 8.89
N LYS D 28 36.13 -26.42 9.03
CA LYS D 28 36.08 -27.02 10.36
C LYS D 28 37.48 -27.01 10.95
N LYS D 29 38.51 -27.20 10.11
CA LYS D 29 39.89 -27.11 10.58
C LYS D 29 40.18 -25.68 11.08
N ASP D 30 39.62 -24.67 10.40
CA ASP D 30 39.75 -23.28 10.79
C ASP D 30 39.04 -23.02 12.09
N LEU D 31 37.87 -23.66 12.30
CA LEU D 31 37.08 -23.49 13.50
C LEU D 31 37.70 -24.18 14.70
N ALA D 32 38.62 -25.10 14.45
CA ALA D 32 39.41 -25.72 15.51
C ALA D 32 40.55 -24.79 15.93
N HIS D 33 40.83 -23.73 15.14
CA HIS D 33 41.95 -22.84 15.41
C HIS D 33 41.59 -21.39 15.69
N THR D 34 40.45 -21.15 16.36
CA THR D 34 40.01 -19.80 16.66
C THR D 34 40.95 -19.10 17.59
N PRO D 35 40.88 -17.78 17.70
CA PRO D 35 41.81 -17.10 18.61
C PRO D 35 41.68 -17.56 20.04
N SER D 36 40.50 -18.00 20.46
CA SER D 36 40.28 -18.53 21.80
C SER D 36 40.95 -19.90 22.02
N GLN D 37 40.93 -20.81 21.02
CA GLN D 37 41.63 -22.09 21.11
C GLN D 37 43.13 -21.85 21.17
N LEU D 38 43.63 -20.84 20.45
CA LEU D 38 45.03 -20.51 20.40
C LEU D 38 45.51 -20.07 21.74
N GLU D 39 44.61 -19.41 22.50
CA GLU D 39 44.88 -19.00 23.86
C GLU D 39 44.60 -20.11 24.87
N GLY D 40 44.30 -21.31 24.41
CA GLY D 40 44.14 -22.46 25.29
C GLY D 40 42.77 -22.79 25.84
N LEU D 41 41.70 -22.13 25.36
CA LEU D 41 40.34 -22.40 25.81
C LEU D 41 39.95 -23.71 25.18
N ASP D 42 39.44 -24.68 25.94
CA ASP D 42 39.13 -25.94 25.24
C ASP D 42 37.88 -25.80 24.35
N PRO D 43 37.75 -26.65 23.31
CA PRO D 43 36.65 -26.51 22.33
C PRO D 43 35.24 -26.51 22.90
N ALA D 44 35.03 -27.32 23.94
CA ALA D 44 33.75 -27.47 24.61
C ALA D 44 33.40 -26.19 25.30
N THR D 45 34.40 -25.52 25.94
CA THR D 45 34.16 -24.26 26.65
C THR D 45 33.84 -23.16 25.67
N GLU D 46 34.50 -23.17 24.50
CA GLU D 46 34.22 -22.13 23.50
C GLU D 46 32.80 -22.28 22.98
N ALA D 47 32.35 -23.53 22.75
CA ALA D 47 31.00 -23.78 22.24
C ALA D 47 30.01 -23.31 23.25
N ARG D 48 30.34 -23.47 24.52
CA ARG D 48 29.46 -23.04 25.61
C ARG D 48 29.35 -21.54 25.63
N TYR D 49 30.51 -20.86 25.61
CA TYR D 49 30.57 -19.40 25.58
C TYR D 49 29.76 -18.87 24.43
N ARG D 50 29.86 -19.50 23.24
CA ARG D 50 29.07 -19.05 22.09
C ARG D 50 27.58 -19.22 22.31
N ARG D 51 27.13 -20.40 22.83
CA ARG D 51 25.72 -20.67 23.10
C ARG D 51 25.20 -19.61 24.04
N GLU D 52 25.97 -19.35 25.11
CA GLU D 52 25.61 -18.40 26.15
C GLU D 52 25.48 -17.00 25.64
N GLY D 53 26.43 -16.58 24.80
CA GLY D 53 26.42 -15.25 24.21
C GLY D 53 25.22 -15.09 23.30
N ALA D 54 25.00 -16.09 22.42
CA ALA D 54 23.86 -16.08 21.49
C ALA D 54 22.51 -16.04 22.22
N ARG D 55 22.32 -16.93 23.21
CA ARG D 55 21.09 -16.98 23.99
C ARG D 55 20.87 -15.72 24.76
N PHE D 56 21.95 -15.07 25.19
CA PHE D 56 21.89 -13.80 25.91
C PHE D 56 21.42 -12.67 24.99
N ILE D 57 21.85 -12.68 23.72
CA ILE D 57 21.42 -11.70 22.74
C ILE D 57 19.95 -11.91 22.46
N PHE D 58 19.57 -13.17 22.26
CA PHE D 58 18.21 -13.58 22.00
C PHE D 58 17.31 -13.20 23.17
N ASP D 59 17.73 -13.47 24.41
CA ASP D 59 16.96 -13.14 25.61
C ASP D 59 16.82 -11.66 25.85
N VAL D 60 17.92 -10.91 25.74
CA VAL D 60 17.89 -9.45 25.91
C VAL D 60 17.02 -8.80 24.86
N GLY D 61 17.22 -9.21 23.62
CA GLY D 61 16.53 -8.64 22.48
C GLY D 61 15.05 -8.90 22.52
N THR D 62 14.65 -10.13 22.91
CA THR D 62 13.24 -10.52 23.03
C THR D 62 12.51 -9.64 24.06
N ARG D 63 13.15 -9.44 25.22
CA ARG D 63 12.65 -8.58 26.27
C ARG D 63 12.47 -7.14 25.76
N LEU D 64 13.26 -6.74 24.75
CA LEU D 64 13.16 -5.39 24.20
C LEU D 64 12.20 -5.30 22.98
N GLY D 65 11.56 -6.41 22.66
CA GLY D 65 10.61 -6.50 21.58
C GLY D 65 11.25 -6.44 20.21
N LEU D 66 12.53 -6.83 20.13
CA LEU D 66 13.23 -6.88 18.86
C LEU D 66 12.84 -8.16 18.19
N HIS D 67 12.79 -8.16 16.86
CA HIS D 67 12.37 -9.39 16.25
C HIS D 67 13.52 -10.16 15.60
N TYR D 68 13.19 -11.35 15.13
CA TYR D 68 14.11 -12.38 14.71
C TYR D 68 15.26 -11.93 13.81
N ASP D 69 15.08 -10.98 12.89
CA ASP D 69 16.20 -10.61 12.02
C ASP D 69 17.28 -9.81 12.74
N THR D 70 16.84 -8.89 13.63
CA THR D 70 17.74 -8.09 14.44
C THR D 70 18.53 -9.00 15.39
N LEU D 71 17.83 -9.95 16.04
CA LEU D 71 18.49 -10.86 16.94
C LEU D 71 19.53 -11.65 16.18
N ALA D 72 19.18 -12.19 14.99
CA ALA D 72 20.10 -12.99 14.18
C ALA D 72 21.30 -12.21 13.69
N THR D 73 21.08 -10.96 13.25
CA THR D 73 22.16 -10.08 12.84
C THR D 73 23.12 -9.87 14.02
N GLY D 74 22.58 -9.52 15.20
CA GLY D 74 23.38 -9.38 16.42
C GLY D 74 24.21 -10.60 16.69
N ILE D 75 23.60 -11.78 16.53
CA ILE D 75 24.29 -13.04 16.75
C ILE D 75 25.36 -13.31 15.70
N ILE D 76 25.10 -13.01 14.41
CA ILE D 76 26.09 -13.21 13.35
C ILE D 76 27.34 -12.35 13.60
N TYR D 77 27.14 -11.07 14.03
CA TYR D 77 28.24 -10.19 14.36
C TYR D 77 29.06 -10.77 15.50
N PHE D 78 28.36 -11.33 16.51
CA PHE D 78 28.95 -11.96 17.69
C PHE D 78 29.86 -13.11 17.29
N HIS D 79 29.35 -14.06 16.50
CA HIS D 79 30.16 -15.18 16.03
C HIS D 79 31.36 -14.76 15.18
N ARG D 80 31.17 -13.79 14.29
CA ARG D 80 32.26 -13.30 13.46
C ARG D 80 33.30 -12.64 14.30
N PHE D 81 32.88 -11.87 15.32
CA PHE D 81 33.81 -11.17 16.18
C PHE D 81 34.80 -12.14 16.81
N TYR D 82 34.31 -13.31 17.22
CA TYR D 82 35.14 -14.27 17.92
C TYR D 82 35.99 -15.14 16.97
N MET D 83 36.00 -14.82 15.68
CA MET D 83 36.93 -15.48 14.77
C MET D 83 38.22 -14.65 14.74
N PHE D 84 38.21 -13.45 15.36
CA PHE D 84 39.32 -12.51 15.29
C PHE D 84 39.83 -12.14 16.66
N HIS D 85 39.00 -12.35 17.68
CA HIS D 85 39.31 -12.05 19.07
C HIS D 85 39.09 -13.25 19.98
N SER D 86 39.74 -13.27 21.13
CA SER D 86 39.64 -14.39 22.07
C SER D 86 38.63 -14.08 23.16
N PHE D 87 37.89 -15.11 23.62
CA PHE D 87 36.98 -14.92 24.74
C PHE D 87 37.77 -14.58 26.01
N LYS D 88 39.06 -14.96 26.03
CA LYS D 88 39.91 -14.63 27.17
C LYS D 88 40.23 -13.16 27.25
N GLN D 89 40.12 -12.43 26.14
CA GLN D 89 40.40 -10.99 26.13
C GLN D 89 39.13 -10.16 26.09
N PHE D 90 38.05 -10.72 25.55
CA PHE D 90 36.82 -9.97 25.40
C PHE D 90 35.65 -10.70 26.05
N PRO D 91 35.18 -10.18 27.20
CA PRO D 91 34.05 -10.83 27.93
C PRO D 91 32.80 -10.96 27.07
N ARG D 92 32.26 -12.19 26.97
CA ARG D 92 31.18 -12.50 26.04
C ARG D 92 29.93 -11.63 26.13
N TYR D 93 29.42 -11.33 27.33
CA TYR D 93 28.15 -10.59 27.41
C TYR D 93 28.29 -9.15 27.00
N VAL D 94 29.47 -8.57 27.23
CA VAL D 94 29.76 -7.21 26.81
C VAL D 94 29.66 -7.18 25.30
N THR D 95 30.34 -8.12 24.63
CA THR D 95 30.29 -8.22 23.18
C THR D 95 28.87 -8.49 22.69
N GLY D 96 28.15 -9.37 23.35
CA GLY D 96 26.76 -9.62 22.98
C GLY D 96 25.93 -8.35 23.00
N ALA D 97 26.05 -7.54 24.08
CA ALA D 97 25.30 -6.30 24.23
C ALA D 97 25.66 -5.35 23.12
N CYS D 98 26.94 -5.30 22.81
CA CYS D 98 27.43 -4.42 21.78
C CYS D 98 26.96 -4.84 20.41
N CYS D 99 26.94 -6.16 20.12
CA CYS D 99 26.44 -6.68 18.86
C CYS D 99 24.95 -6.42 18.70
N LEU D 100 24.17 -6.52 19.77
CA LEU D 100 22.73 -6.25 19.68
C LEU D 100 22.50 -4.79 19.41
N PHE D 101 23.22 -3.93 20.13
CA PHE D 101 23.15 -2.49 19.99
C PHE D 101 23.36 -2.07 18.55
N LEU D 102 24.44 -2.58 17.93
CA LEU D 102 24.74 -2.26 16.53
C LEU D 102 23.67 -2.82 15.63
N ALA D 103 23.28 -4.08 15.85
CA ALA D 103 22.30 -4.76 15.01
C ALA D 103 20.99 -4.00 14.98
N GLY D 104 20.59 -3.41 16.12
CA GLY D 104 19.40 -2.56 16.22
C GLY D 104 19.44 -1.42 15.23
N LYS D 105 20.60 -0.77 15.09
CA LYS D 105 20.77 0.35 14.15
C LYS D 105 20.79 -0.14 12.72
N VAL D 106 21.54 -1.19 12.46
CA VAL D 106 21.63 -1.77 11.13
C VAL D 106 20.28 -2.17 10.57
N GLU D 107 19.46 -2.81 11.41
CA GLU D 107 18.17 -3.35 11.01
C GLU D 107 17.01 -2.37 11.19
N GLU D 108 17.35 -1.10 11.49
CA GLU D 108 16.35 -0.05 11.63
C GLU D 108 15.35 -0.34 12.74
N THR D 109 15.79 -1.00 13.80
CA THR D 109 14.97 -1.23 14.98
C THR D 109 15.82 -0.79 16.16
N PRO D 110 16.23 0.50 16.21
CA PRO D 110 17.19 0.92 17.24
C PRO D 110 16.67 0.86 18.64
N LYS D 111 17.58 0.59 19.58
CA LYS D 111 17.32 0.59 21.00
C LYS D 111 18.42 1.40 21.68
N LYS D 112 18.05 2.10 22.76
CA LYS D 112 19.02 2.90 23.50
C LYS D 112 19.98 1.97 24.19
N CYS D 113 21.26 2.36 24.22
CA CYS D 113 22.26 1.53 24.87
C CYS D 113 21.89 1.33 26.32
N LYS D 114 21.32 2.40 26.95
CA LYS D 114 20.86 2.40 28.34
C LYS D 114 19.92 1.24 28.57
N ASP D 115 19.02 0.98 27.61
CA ASP D 115 18.00 -0.04 27.76
C ASP D 115 18.53 -1.44 27.60
N ILE D 116 19.54 -1.59 26.77
CA ILE D 116 20.22 -2.88 26.61
C ILE D 116 20.95 -3.17 27.92
N ILE D 117 21.60 -2.17 28.49
CA ILE D 117 22.25 -2.39 29.76
C ILE D 117 21.25 -2.80 30.81
N LYS D 118 20.16 -2.05 30.94
CA LYS D 118 19.13 -2.33 31.94
C LYS D 118 18.63 -3.76 31.80
N THR D 119 18.33 -4.21 30.58
CA THR D 119 17.85 -5.58 30.38
C THR D 119 18.91 -6.61 30.77
N ALA D 120 20.18 -6.31 30.45
CA ALA D 120 21.30 -7.19 30.75
C ALA D 120 21.47 -7.31 32.25
N ARG D 121 21.37 -6.18 32.97
CA ARG D 121 21.45 -6.16 34.43
C ARG D 121 20.38 -7.07 35.03
N SER D 122 19.19 -7.06 34.42
CA SER D 122 18.08 -7.85 34.90
C SER D 122 18.21 -9.34 34.62
N LEU D 123 18.83 -9.70 33.47
CA LEU D 123 18.91 -11.10 33.09
C LEU D 123 20.10 -11.85 33.67
N LEU D 124 21.19 -11.12 33.94
CA LEU D 124 22.44 -11.68 34.42
C LEU D 124 22.60 -11.61 35.93
N ASN D 125 23.29 -12.62 36.50
CA ASN D 125 23.67 -12.59 37.91
C ASN D 125 24.83 -11.60 38.12
N ASP D 126 25.23 -11.37 39.36
CA ASP D 126 26.24 -10.39 39.71
C ASP D 126 27.61 -10.68 39.15
N VAL D 127 27.93 -11.95 39.06
CA VAL D 127 29.21 -12.44 38.54
C VAL D 127 29.24 -12.19 37.04
N GLN D 128 28.18 -12.62 36.34
CA GLN D 128 28.02 -12.45 34.91
C GLN D 128 28.05 -10.96 34.57
N PHE D 129 27.32 -10.15 35.34
CA PHE D 129 27.23 -8.73 35.08
C PHE D 129 28.52 -8.00 35.46
N GLY D 130 29.40 -8.67 36.19
CA GLY D 130 30.70 -8.13 36.57
C GLY D 130 31.54 -7.79 35.34
N GLN D 131 31.27 -8.50 34.23
CA GLN D 131 31.94 -8.32 32.94
C GLN D 131 31.84 -6.88 32.44
N PHE D 132 30.72 -6.20 32.72
CA PHE D 132 30.51 -4.85 32.26
C PHE D 132 31.36 -3.78 32.93
N GLY D 133 31.96 -4.11 34.07
CA GLY D 133 32.82 -3.17 34.77
C GLY D 133 32.08 -2.05 35.46
N ASP D 134 32.80 -0.95 35.73
CA ASP D 134 32.25 0.19 36.45
C ASP D 134 31.31 1.03 35.64
N ASP D 135 31.60 1.20 34.35
CA ASP D 135 30.74 1.98 33.49
C ASP D 135 30.26 1.07 32.36
N PRO D 136 29.17 0.32 32.61
CA PRO D 136 28.70 -0.66 31.63
C PRO D 136 28.37 -0.08 30.29
N LYS D 137 27.68 1.08 30.24
CA LYS D 137 27.36 1.71 28.96
C LYS D 137 28.64 2.08 28.20
N GLU D 138 29.66 2.61 28.90
CA GLU D 138 30.92 3.00 28.27
C GLU D 138 31.67 1.80 27.75
N GLU D 139 31.63 0.70 28.49
CA GLU D 139 32.25 -0.55 28.07
C GLU D 139 31.67 -0.98 26.71
N VAL D 140 30.35 -0.88 26.52
CA VAL D 140 29.69 -1.28 25.27
C VAL D 140 30.02 -0.29 24.12
N MET D 141 29.94 1.01 24.39
CA MET D 141 30.17 2.03 23.37
C MET D 141 31.58 1.99 22.84
N VAL D 142 32.55 1.79 23.73
CA VAL D 142 33.96 1.69 23.38
C VAL D 142 34.20 0.51 22.50
N LEU D 143 33.46 -0.57 22.71
CA LEU D 143 33.61 -1.78 21.93
C LEU D 143 33.07 -1.65 20.53
N GLU D 144 32.08 -0.76 20.31
CA GLU D 144 31.42 -0.61 19.02
C GLU D 144 32.39 -0.28 17.89
N ARG D 145 33.38 0.57 18.15
CA ARG D 145 34.42 0.95 17.22
C ARG D 145 35.22 -0.29 16.81
N ILE D 146 35.58 -1.10 17.80
CA ILE D 146 36.34 -2.34 17.54
C ILE D 146 35.51 -3.31 16.74
N LEU D 147 34.24 -3.50 17.15
CA LEU D 147 33.33 -4.40 16.51
C LEU D 147 33.19 -4.06 15.03
N LEU D 148 32.99 -2.76 14.73
CA LEU D 148 32.80 -2.26 13.37
C LEU D 148 34.01 -2.54 12.50
N GLN D 149 35.22 -2.28 13.04
CA GLN D 149 36.49 -2.57 12.37
C GLN D 149 36.58 -4.06 12.13
N THR D 150 36.23 -4.89 13.15
CA THR D 150 36.32 -6.37 13.08
C THR D 150 35.46 -6.96 11.99
N ILE D 151 34.19 -6.49 11.89
CA ILE D 151 33.26 -6.98 10.88
C ILE D 151 33.54 -6.29 9.54
N LYS D 152 34.58 -5.44 9.49
CA LYS D 152 35.07 -4.76 8.29
C LYS D 152 34.03 -3.90 7.65
N PHE D 153 33.10 -3.34 8.43
CA PHE D 153 32.02 -2.51 7.97
C PHE D 153 31.10 -3.25 7.01
N ASP D 154 31.03 -4.57 7.09
CA ASP D 154 30.15 -5.38 6.25
C ASP D 154 28.90 -5.66 7.07
N LEU D 155 28.01 -4.69 7.09
CA LEU D 155 26.81 -4.61 7.93
C LEU D 155 25.61 -5.43 7.49
N GLN D 156 25.40 -5.57 6.18
CA GLN D 156 24.24 -6.28 5.64
C GLN D 156 24.43 -7.79 5.70
N VAL D 157 23.48 -8.48 6.32
CA VAL D 157 23.55 -9.92 6.47
C VAL D 157 22.19 -10.54 6.19
N GLU D 158 22.17 -11.68 5.49
CA GLU D 158 20.93 -12.42 5.22
C GLU D 158 20.86 -13.64 6.11
N HIS D 159 19.63 -14.01 6.53
CA HIS D 159 19.47 -15.13 7.46
C HIS D 159 18.70 -16.28 6.84
N PRO D 160 18.69 -17.45 7.49
CA PRO D 160 17.99 -18.59 6.90
C PRO D 160 16.47 -18.42 6.84
N TYR D 161 15.89 -17.61 7.76
CA TYR D 161 14.44 -17.40 7.86
C TYR D 161 13.80 -17.12 6.50
N GLN D 162 14.26 -16.06 5.83
CA GLN D 162 13.72 -15.68 4.51
C GLN D 162 13.76 -16.79 3.46
N PHE D 163 14.77 -17.69 3.54
CA PHE D 163 14.88 -18.76 2.55
C PHE D 163 14.02 -19.92 2.90
N LEU D 164 13.88 -20.23 4.20
CA LEU D 164 12.96 -21.25 4.65
C LEU D 164 11.57 -20.89 4.10
N LEU D 165 11.15 -19.63 4.27
CA LEU D 165 9.82 -19.17 3.82
C LEU D 165 9.67 -19.23 2.31
N LYS D 166 10.65 -18.69 1.58
CA LYS D 166 10.62 -18.71 0.12
C LYS D 166 10.55 -20.14 -0.45
N TYR D 167 11.33 -21.08 0.13
CA TYR D 167 11.36 -22.44 -0.36
C TYR D 167 10.12 -23.21 0.03
N ALA D 168 9.67 -23.07 1.27
CA ALA D 168 8.49 -23.78 1.76
C ALA D 168 7.23 -23.40 0.98
N LYS D 169 7.16 -22.15 0.51
CA LYS D 169 6.09 -21.60 -0.32
C LYS D 169 5.93 -22.39 -1.63
N GLN D 170 7.04 -22.82 -2.23
CA GLN D 170 7.04 -23.54 -3.51
C GLN D 170 6.73 -25.03 -3.32
N LEU D 171 6.49 -25.45 -2.07
CA LEU D 171 6.12 -26.83 -1.80
C LEU D 171 4.63 -27.03 -2.06
N LYS D 172 4.29 -28.11 -2.79
CA LYS D 172 2.90 -28.42 -3.14
C LYS D 172 2.45 -29.74 -2.53
N GLY D 173 1.59 -29.64 -1.54
CA GLY D 173 1.05 -30.79 -0.83
C GLY D 173 0.14 -30.39 0.31
N ASP D 174 0.01 -31.31 1.28
CA ASP D 174 -0.82 -31.12 2.45
C ASP D 174 -0.40 -29.89 3.24
N LYS D 175 -1.27 -28.87 3.29
CA LYS D 175 -1.01 -27.59 3.97
C LYS D 175 -0.65 -27.74 5.44
N ASN D 176 -1.34 -28.63 6.15
CA ASN D 176 -1.06 -28.84 7.57
C ASN D 176 0.34 -29.42 7.85
N LYS D 177 0.83 -30.31 6.97
CA LYS D 177 2.14 -30.93 7.13
C LYS D 177 3.23 -29.95 6.78
N ILE D 178 3.01 -29.18 5.73
CA ILE D 178 3.94 -28.17 5.29
C ILE D 178 4.08 -27.10 6.37
N GLN D 179 2.95 -26.67 6.97
CA GLN D 179 3.04 -25.70 8.03
C GLN D 179 3.82 -26.30 9.21
N LYS D 180 3.59 -27.58 9.52
CA LYS D 180 4.34 -28.21 10.60
C LYS D 180 5.83 -28.29 10.30
N LEU D 181 6.19 -28.61 9.05
CA LEU D 181 7.57 -28.69 8.63
C LEU D 181 8.24 -27.33 8.90
N VAL D 182 7.59 -26.24 8.46
CA VAL D 182 8.10 -24.89 8.63
C VAL D 182 8.20 -24.45 10.08
N GLN D 183 7.20 -24.75 10.89
CA GLN D 183 7.25 -24.35 12.29
C GLN D 183 8.45 -24.98 13.00
N MET D 184 8.64 -26.26 12.71
CA MET D 184 9.73 -26.99 13.31
C MET D 184 11.06 -26.49 12.77
N ALA D 185 11.14 -26.30 11.45
CA ALA D 185 12.34 -25.82 10.81
C ALA D 185 12.75 -24.47 11.39
N TRP D 186 11.77 -23.58 11.60
CA TRP D 186 12.01 -22.26 12.18
C TRP D 186 12.70 -22.40 13.55
N THR D 187 12.18 -23.29 14.40
CA THR D 187 12.77 -23.58 15.70
C THR D 187 14.24 -24.00 15.53
N PHE D 188 14.52 -24.83 14.50
CA PHE D 188 15.89 -25.28 14.24
C PHE D 188 16.81 -24.15 13.82
N VAL D 189 16.29 -23.13 13.11
CA VAL D 189 17.09 -21.96 12.74
C VAL D 189 17.52 -21.24 13.99
N ASN D 190 16.55 -20.92 14.89
CA ASN D 190 16.83 -20.30 16.19
C ASN D 190 17.97 -21.06 16.89
N ASP D 191 17.88 -22.41 16.94
CA ASP D 191 18.94 -23.21 17.56
C ASP D 191 20.25 -23.10 16.85
N SER D 192 20.25 -23.15 15.51
CA SER D 192 21.50 -23.08 14.73
C SER D 192 22.34 -21.84 15.08
N LEU D 193 21.66 -20.75 15.46
CA LEU D 193 22.31 -19.50 15.85
C LEU D 193 23.22 -19.63 17.05
N CYS D 194 23.00 -20.65 17.87
CA CYS D 194 23.83 -20.95 19.05
C CYS D 194 25.15 -21.63 18.70
N THR D 195 25.27 -22.13 17.46
CA THR D 195 26.44 -22.85 16.93
C THR D 195 27.22 -21.95 15.94
N THR D 196 28.37 -22.43 15.45
CA THR D 196 29.17 -21.70 14.46
C THR D 196 28.68 -22.03 13.06
N LEU D 197 27.46 -22.57 12.94
CA LEU D 197 26.88 -22.93 11.65
C LEU D 197 26.85 -21.76 10.68
N SER D 198 26.62 -20.54 11.18
CA SER D 198 26.58 -19.38 10.30
C SER D 198 27.93 -18.95 9.77
N LEU D 199 29.00 -19.53 10.37
CA LEU D 199 30.38 -19.25 9.99
C LEU D 199 30.85 -20.33 9.03
N GLN D 200 30.00 -21.34 8.77
CA GLN D 200 30.37 -22.47 7.95
C GLN D 200 29.60 -22.56 6.64
N TRP D 201 28.28 -22.23 6.68
CA TRP D 201 27.41 -22.40 5.52
C TRP D 201 26.54 -21.21 5.27
N GLU D 202 26.29 -20.89 3.98
CA GLU D 202 25.43 -19.77 3.58
C GLU D 202 23.98 -19.97 4.09
N PRO D 203 23.23 -18.87 4.34
CA PRO D 203 21.87 -19.02 4.90
C PRO D 203 20.95 -19.88 4.08
N GLU D 204 21.11 -19.87 2.74
CA GLU D 204 20.30 -20.68 1.82
C GLU D 204 20.43 -22.16 2.15
N ILE D 205 21.66 -22.60 2.44
CA ILE D 205 21.98 -23.99 2.78
C ILE D 205 21.45 -24.36 4.20
N ILE D 206 21.64 -23.47 5.19
CA ILE D 206 21.07 -23.73 6.52
C ILE D 206 19.54 -23.90 6.39
N ALA D 207 18.88 -23.05 5.54
CA ALA D 207 17.43 -23.15 5.37
C ALA D 207 17.01 -24.53 4.83
N VAL D 208 17.71 -25.04 3.80
CA VAL D 208 17.42 -26.37 3.30
C VAL D 208 17.68 -27.42 4.38
N ALA D 209 18.82 -27.34 5.06
CA ALA D 209 19.12 -28.32 6.10
C ALA D 209 18.06 -28.39 7.19
N VAL D 210 17.49 -27.25 7.61
CA VAL D 210 16.49 -27.30 8.66
C VAL D 210 15.18 -27.92 8.15
N MET D 211 14.89 -27.75 6.86
CA MET D 211 13.70 -28.35 6.27
C MET D 211 13.93 -29.86 6.23
N TYR D 212 15.15 -30.25 5.87
CA TYR D 212 15.58 -31.63 5.77
C TYR D 212 15.50 -32.30 7.14
N LEU D 213 16.03 -31.64 8.16
CA LEU D 213 15.97 -32.18 9.51
C LEU D 213 14.51 -32.31 9.94
N ALA D 214 13.69 -31.28 9.70
CA ALA D 214 12.29 -31.37 10.10
C ALA D 214 11.51 -32.50 9.41
N GLY D 215 11.73 -32.64 8.10
CA GLY D 215 11.16 -33.72 7.30
C GLY D 215 11.52 -35.07 7.90
N ARG D 216 12.80 -35.29 8.22
CA ARG D 216 13.27 -36.53 8.83
C ARG D 216 12.53 -36.84 10.13
N LEU D 217 12.49 -35.88 11.07
CA LEU D 217 11.83 -36.06 12.36
C LEU D 217 10.31 -36.23 12.27
N CYS D 218 9.70 -35.63 11.25
CA CYS D 218 8.26 -35.71 11.04
C CYS D 218 7.84 -36.90 10.23
N LYS D 219 8.83 -37.55 9.59
CA LYS D 219 8.65 -38.67 8.69
C LYS D 219 7.89 -38.23 7.44
N PHE D 220 8.15 -36.99 7.00
CA PHE D 220 7.55 -36.46 5.78
C PHE D 220 8.48 -36.69 4.61
N GLU D 221 7.92 -37.00 3.44
CA GLU D 221 8.72 -37.19 2.24
C GLU D 221 8.64 -35.93 1.43
N ILE D 222 9.56 -35.00 1.65
CA ILE D 222 9.48 -33.71 0.99
C ILE D 222 9.53 -33.82 -0.52
N GLN D 223 10.21 -34.83 -1.06
CA GLN D 223 10.29 -34.96 -2.53
C GLN D 223 8.92 -35.16 -3.12
N GLU D 224 7.97 -35.61 -2.29
CA GLU D 224 6.59 -35.77 -2.70
C GLU D 224 5.88 -34.43 -2.84
N TRP D 225 6.52 -33.39 -2.33
CA TRP D 225 6.01 -32.04 -2.46
C TRP D 225 6.71 -31.30 -3.55
N THR D 226 7.59 -31.99 -4.30
CA THR D 226 8.34 -31.36 -5.38
C THR D 226 8.15 -32.05 -6.71
N SER D 227 8.64 -31.43 -7.79
CA SER D 227 8.49 -31.99 -9.12
C SER D 227 9.83 -32.40 -9.74
N LYS D 228 10.78 -32.87 -8.91
CA LYS D 228 12.12 -33.24 -9.37
C LYS D 228 12.18 -34.45 -10.31
N PRO D 229 13.21 -34.51 -11.19
CA PRO D 229 13.38 -35.67 -12.06
C PRO D 229 13.80 -36.88 -11.21
N MET D 230 13.60 -38.14 -11.71
CA MET D 230 13.96 -39.45 -11.10
C MET D 230 15.25 -39.15 -10.42
N TYR D 231 16.33 -38.94 -11.24
CA TYR D 231 17.70 -38.38 -11.25
C TYR D 231 18.19 -37.82 -9.88
N ARG D 232 17.19 -37.22 -9.16
CA ARG D 232 16.95 -36.92 -7.73
C ARG D 232 17.19 -35.49 -7.28
N ARG D 233 17.05 -35.39 -5.95
CA ARG D 233 17.31 -34.48 -4.79
C ARG D 233 16.45 -33.30 -4.80
N TRP D 234 15.53 -33.25 -3.89
CA TRP D 234 14.47 -32.27 -3.76
C TRP D 234 14.97 -30.88 -3.60
N TRP D 235 16.07 -30.70 -2.91
CA TRP D 235 16.59 -29.38 -2.63
C TRP D 235 17.35 -28.73 -3.76
N GLU D 236 17.72 -29.50 -4.78
CA GLU D 236 18.49 -28.97 -5.88
C GLU D 236 17.80 -27.84 -6.61
N GLN D 237 16.49 -27.79 -6.55
CA GLN D 237 15.78 -26.71 -7.19
C GLN D 237 15.94 -25.43 -6.40
N PHE D 238 16.41 -25.54 -5.16
CA PHE D 238 16.55 -24.37 -4.31
C PHE D 238 17.97 -23.92 -4.23
N VAL D 239 18.91 -24.87 -4.07
CA VAL D 239 20.35 -24.61 -3.96
C VAL D 239 21.13 -25.58 -4.85
N GLN D 240 22.20 -25.13 -5.45
CA GLN D 240 22.93 -26.02 -6.32
C GLN D 240 24.11 -26.68 -5.67
N ASP D 241 24.35 -27.94 -6.06
CA ASP D 241 25.50 -28.72 -5.67
C ASP D 241 25.71 -28.77 -4.16
N VAL D 242 24.67 -29.15 -3.44
CA VAL D 242 24.79 -29.33 -2.01
C VAL D 242 24.60 -30.82 -1.76
N PRO D 243 25.68 -31.55 -1.43
CA PRO D 243 25.54 -33.00 -1.19
C PRO D 243 24.79 -33.30 0.10
N VAL D 244 24.27 -34.51 0.20
CA VAL D 244 23.48 -34.94 1.35
C VAL D 244 24.31 -34.98 2.62
N ASP D 245 25.61 -35.26 2.49
CA ASP D 245 26.49 -35.34 3.66
C ASP D 245 26.66 -33.98 4.35
N VAL D 246 26.55 -32.88 3.57
CA VAL D 246 26.58 -31.52 4.10
C VAL D 246 25.32 -31.29 4.94
N LEU D 247 24.16 -31.72 4.42
CA LEU D 247 22.89 -31.56 5.14
C LEU D 247 22.91 -32.36 6.43
N GLU D 248 23.41 -33.59 6.34
CA GLU D 248 23.56 -34.48 7.50
C GLU D 248 24.43 -33.86 8.55
N ASP D 249 25.58 -33.31 8.14
CA ASP D 249 26.55 -32.70 9.04
C ASP D 249 25.88 -31.57 9.82
N ILE D 250 25.15 -30.69 9.12
CA ILE D 250 24.45 -29.58 9.74
C ILE D 250 23.44 -30.10 10.74
N CYS D 251 22.71 -31.16 10.35
CA CYS D 251 21.71 -31.79 11.20
C CYS D 251 22.30 -32.29 12.49
N HIS D 252 23.42 -32.99 12.39
CA HIS D 252 24.13 -33.56 13.53
C HIS D 252 24.49 -32.44 14.47
N GLN D 253 24.96 -31.32 13.93
CA GLN D 253 25.38 -30.18 14.75
C GLN D 253 24.25 -29.57 15.50
N ILE D 254 23.08 -29.45 14.85
CA ILE D 254 21.88 -28.94 15.49
C ILE D 254 21.41 -29.92 16.55
N LEU D 255 21.38 -31.23 16.23
CA LEU D 255 20.92 -32.23 17.18
C LEU D 255 21.79 -32.30 18.43
N ASP D 256 23.08 -32.03 18.27
CA ASP D 256 24.03 -31.99 19.36
C ASP D 256 23.65 -31.05 20.46
N LEU D 257 22.82 -30.06 20.15
CA LEU D 257 22.33 -29.11 21.14
C LEU D 257 21.31 -29.74 22.05
N TYR D 258 20.68 -30.84 21.61
CA TYR D 258 19.65 -31.53 22.36
C TYR D 258 20.18 -32.72 23.18
N SER D 259 21.23 -33.38 22.68
CA SER D 259 21.95 -34.36 23.48
C SER D 259 22.70 -33.54 24.57
N GLN D 260 23.01 -34.15 25.73
CA GLN D 260 23.77 -33.48 26.80
C GLN D 260 23.06 -32.22 27.32
N GLY D 261 21.74 -32.30 27.47
CA GLY D 261 20.92 -31.20 27.95
C GLY D 261 20.69 -30.12 26.92
#